data_7QXD
#
_entry.id   7QXD
#
_cell.length_a   64.392
_cell.length_b   113.371
_cell.length_c   154.557
_cell.angle_alpha   90.000
_cell.angle_beta   90.000
_cell.angle_gamma   90.000
#
_symmetry.space_group_name_H-M   'P 21 21 21'
#
loop_
_entity.id
_entity.type
_entity.pdbx_description
1 polymer 'Antibody Fab 4497 heavy chain'
2 polymer 'Antibody Fab 4497 light chain'
3 non-polymer '[(2~{S},3~{S},4~{R})-4-[(2~{S},3~{R},4~{R},5~{S},6~{R})-3-acetamido-6-(hydroxymethyl)-4,5-bis(oxidanyl)oxan-2-yl]oxy-5-[[(2~{S},3~{R})-2,3-bis(oxidanyl)butoxy]-oxidanyl-phosphoryl]oxy-2,3-bis(oxidanyl)pentyl] [(2~{R},3~{S},4~{S})-2,3,4,5-tetrakis(oxidanyl)pentyl] hydrogen phosphate'
4 non-polymer GLYCEROL
5 non-polymer 'SULFATE ION'
6 non-polymer DI(HYDROXYETHYL)ETHER
7 water water
#
loop_
_entity_poly.entity_id
_entity_poly.type
_entity_poly.pdbx_seq_one_letter_code
_entity_poly.pdbx_strand_id
1 'polypeptide(L)'
;EVQLVESGGGLVQPGGSLRLSCSASGFSFNSFWMHWVRQVPGKGLVWISFTNNEGTTTAYADSVRGRFIISRDNAKNTLY
LEMNNLRGEDTAVYYCARGDGGLDDWGQGTLVTVSSASTKGPSVFPLAPSSKSTSGGTAALGCLVKDYFPEPVTVSWNSG
ALTSGVHTFPAVLQSSGLYSLSSVVTVPSSSLGTQTYICNVNHKPSNTKVDKKVEPKSCGGGGSLPETGGHHHHHH
;
HHH,KKK
2 'polypeptide(L)'
;DIQLTQSPDSLAVSLGERATINCKSSQSIFRTSRNKNLLNWYQQRPGQPPRLLIHWASTRKSGVPDRFSGSGFGTDFTLT
ITSLQAEDVAIYYCQQYFSPPYTFGQGTKLEIKRTVAAPSVFIFPPSDEQLKSGTASVVCLLNNFYPREAKVQWKVDNAL
QSGNSQESVTEQDSKDSTYSLSSTLTLSKADYEKHKVYACEVTHQGLSSPVTKSFNRGEC
;
LLL,MMM
#
loop_
_chem_comp.id
_chem_comp.type
_chem_comp.name
_chem_comp.formula
G5F non-polymer '[(2~{S},3~{S},4~{R})-4-[(2~{S},3~{R},4~{R},5~{S},6~{R})-3-acetamido-6-(hydroxymethyl)-4,5-bis(oxidanyl)oxan-2-yl]oxy-5-[[(2~{S},3~{R})-2,3-bis(oxidanyl)butoxy]-oxidanyl-phosphoryl]oxy-2,3-bis(oxidanyl)pentyl] [(2~{R},3~{S},4~{S})-2,3,4,5-tetrakis(oxidanyl)pentyl] hydrogen phosphate' 'C23 H47 N O24 P2'
GOL non-polymer GLYCEROL 'C3 H8 O3'
PEG non-polymer DI(HYDROXYETHYL)ETHER 'C4 H10 O3'
SO4 non-polymer 'SULFATE ION' 'O4 S -2'
#
# COMPACT_ATOMS: atom_id res chain seq x y z
CA GLU A 1 11.60 -8.11 -33.56
C GLU A 1 12.71 -8.79 -32.72
N VAL A 2 13.21 -8.12 -31.68
CA VAL A 2 14.49 -8.51 -31.01
C VAL A 2 14.25 -9.72 -30.10
N GLN A 3 15.08 -10.75 -30.22
CA GLN A 3 15.00 -12.00 -29.40
C GLN A 3 16.41 -12.42 -28.99
N LEU A 4 16.66 -12.58 -27.68
CA LEU A 4 17.89 -13.22 -27.15
C LEU A 4 17.46 -14.50 -26.46
N VAL A 5 18.10 -15.63 -26.78
CA VAL A 5 17.78 -16.96 -26.21
C VAL A 5 19.06 -17.54 -25.61
N GLU A 6 19.10 -17.66 -24.26
CA GLU A 6 20.24 -18.26 -23.54
C GLU A 6 20.08 -19.78 -23.59
N SER A 7 21.19 -20.51 -23.68
CA SER A 7 21.20 -21.98 -23.53
C SER A 7 22.53 -22.38 -22.90
N GLY A 8 22.61 -23.64 -22.45
CA GLY A 8 23.89 -24.26 -22.06
C GLY A 8 24.01 -24.41 -20.53
N GLY A 9 23.03 -23.93 -19.80
CA GLY A 9 23.02 -24.03 -18.33
C GLY A 9 22.63 -25.43 -17.88
N GLY A 10 22.90 -25.76 -16.63
CA GLY A 10 22.63 -27.11 -16.12
C GLY A 10 23.46 -27.35 -14.88
N LEU A 11 23.42 -28.59 -14.40
CA LEU A 11 24.17 -29.04 -13.21
C LEU A 11 25.62 -29.30 -13.61
N VAL A 12 26.57 -28.74 -12.89
CA VAL A 12 28.02 -28.90 -13.19
C VAL A 12 28.75 -29.02 -11.87
N GLN A 13 29.76 -29.90 -11.85
CA GLN A 13 30.58 -30.13 -10.64
C GLN A 13 31.36 -28.87 -10.33
N PRO A 14 31.56 -28.55 -9.03
CA PRO A 14 32.50 -27.52 -8.61
C PRO A 14 33.87 -27.81 -9.24
N GLY A 15 34.51 -26.74 -9.69
CA GLY A 15 35.79 -26.76 -10.39
C GLY A 15 35.64 -27.04 -11.86
N GLY A 16 34.42 -27.36 -12.34
CA GLY A 16 34.19 -27.72 -13.74
C GLY A 16 33.97 -26.47 -14.59
N SER A 17 33.66 -26.70 -15.87
CA SER A 17 33.50 -25.63 -16.91
C SER A 17 32.16 -25.78 -17.57
N LEU A 18 31.59 -24.68 -18.04
CA LEU A 18 30.35 -24.67 -18.83
C LEU A 18 30.53 -23.56 -19.87
N ARG A 19 29.92 -23.69 -21.02
CA ARG A 19 29.86 -22.57 -22.00
C ARG A 19 28.39 -22.23 -22.21
N LEU A 20 28.00 -21.01 -21.87
CA LEU A 20 26.65 -20.49 -22.16
C LEU A 20 26.67 -19.85 -23.53
N SER A 21 25.54 -19.94 -24.19
CA SER A 21 25.26 -19.37 -25.54
C SER A 21 24.08 -18.41 -25.39
N CYS A 22 24.15 -17.32 -26.15
CA CYS A 22 23.05 -16.35 -26.25
C CYS A 22 22.83 -16.09 -27.72
N SER A 23 21.77 -16.65 -28.27
CA SER A 23 21.45 -16.57 -29.70
C SER A 23 20.57 -15.34 -29.96
N ALA A 24 21.05 -14.43 -30.80
CA ALA A 24 20.42 -13.13 -31.10
C ALA A 24 19.74 -13.14 -32.48
N SER A 25 18.54 -12.60 -32.58
CA SER A 25 17.86 -12.43 -33.89
C SER A 25 17.03 -11.14 -33.88
N GLY A 26 16.71 -10.64 -35.07
CA GLY A 26 15.79 -9.49 -35.26
C GLY A 26 16.49 -8.16 -35.10
N PHE A 27 17.81 -8.11 -35.21
CA PHE A 27 18.59 -6.85 -35.19
C PHE A 27 20.00 -7.09 -35.70
N SER A 28 20.72 -6.00 -35.95
CA SER A 28 22.14 -5.99 -36.40
C SER A 28 23.03 -6.22 -35.16
N PHE A 29 23.31 -7.50 -34.90
CA PHE A 29 24.06 -7.98 -33.72
C PHE A 29 25.35 -7.18 -33.52
N ASN A 30 26.10 -6.95 -34.60
CA ASN A 30 27.48 -6.40 -34.50
C ASN A 30 27.45 -4.88 -34.29
N SER A 31 26.27 -4.28 -34.20
CA SER A 31 26.11 -2.82 -33.94
C SER A 31 25.87 -2.52 -32.45
N PHE A 32 25.91 -3.52 -31.56
CA PHE A 32 25.54 -3.32 -30.13
C PHE A 32 26.48 -4.08 -29.19
N TRP A 33 26.79 -3.43 -28.08
CA TRP A 33 27.40 -4.06 -26.89
C TRP A 33 26.49 -5.19 -26.44
N MET A 34 27.05 -6.19 -25.74
CA MET A 34 26.26 -7.31 -25.18
C MET A 34 26.77 -7.55 -23.76
N HIS A 35 25.85 -7.94 -22.88
CA HIS A 35 26.11 -8.12 -21.44
C HIS A 35 25.68 -9.50 -20.98
N TRP A 36 26.36 -9.98 -19.95
CA TRP A 36 25.87 -11.06 -19.07
C TRP A 36 25.62 -10.49 -17.68
N VAL A 37 24.50 -10.87 -17.12
CA VAL A 37 24.04 -10.51 -15.76
C VAL A 37 23.55 -11.81 -15.13
N ARG A 38 23.79 -12.00 -13.83
CA ARG A 38 23.27 -13.21 -13.18
C ARG A 38 22.42 -12.85 -11.98
N GLN A 39 21.64 -13.84 -11.52
CA GLN A 39 20.73 -13.66 -10.38
C GLN A 39 20.63 -14.99 -9.62
N VAL A 40 21.17 -14.99 -8.43
CA VAL A 40 21.00 -16.13 -7.48
C VAL A 40 19.52 -16.17 -7.17
N PRO A 41 18.84 -17.34 -7.20
CA PRO A 41 17.38 -17.37 -7.00
C PRO A 41 16.98 -16.66 -5.69
N GLY A 42 15.97 -15.79 -5.79
CA GLY A 42 15.46 -14.87 -4.75
C GLY A 42 16.38 -13.72 -4.39
N LYS A 43 17.47 -13.47 -5.14
CA LYS A 43 18.46 -12.41 -4.80
C LYS A 43 18.49 -11.40 -5.93
N GLY A 44 19.41 -10.45 -5.87
CA GLY A 44 19.43 -9.31 -6.79
C GLY A 44 20.17 -9.60 -8.08
N LEU A 45 20.11 -8.65 -9.00
CA LEU A 45 20.87 -8.70 -10.28
C LEU A 45 22.32 -8.36 -9.98
N VAL A 46 23.23 -9.11 -10.59
CA VAL A 46 24.69 -8.90 -10.45
C VAL A 46 25.26 -8.86 -11.85
N TRP A 47 25.77 -7.71 -12.26
CA TRP A 47 26.45 -7.58 -13.57
C TRP A 47 27.70 -8.47 -13.56
N ILE A 48 27.93 -9.23 -14.63
CA ILE A 48 29.03 -10.23 -14.74
C ILE A 48 30.06 -9.80 -15.80
N SER A 49 29.62 -9.40 -16.98
CA SER A 49 30.57 -9.19 -18.09
C SER A 49 29.92 -8.36 -19.20
N PHE A 50 30.73 -7.68 -20.00
CA PHE A 50 30.27 -7.16 -21.30
C PHE A 50 31.39 -7.25 -22.32
N THR A 51 30.96 -7.06 -23.56
CA THR A 51 31.81 -6.94 -24.75
C THR A 51 31.30 -5.78 -25.59
N ASN A 52 32.23 -5.02 -26.18
CA ASN A 52 31.86 -3.97 -27.15
C ASN A 52 31.45 -4.64 -28.45
N ASN A 53 31.19 -3.86 -29.50
CA ASN A 53 30.58 -4.37 -30.76
C ASN A 53 31.46 -5.45 -31.39
N GLU A 54 32.78 -5.25 -31.40
CA GLU A 54 33.71 -6.15 -32.13
C GLU A 54 34.31 -7.20 -31.19
N GLY A 55 34.23 -7.02 -29.88
CA GLY A 55 34.85 -7.93 -28.89
C GLY A 55 36.27 -7.51 -28.53
N THR A 56 36.67 -6.28 -28.86
CA THR A 56 38.04 -5.76 -28.63
C THR A 56 38.14 -5.14 -27.24
N THR A 57 37.01 -4.81 -26.62
CA THR A 57 36.96 -4.33 -25.22
C THR A 57 36.00 -5.26 -24.48
N THR A 58 36.45 -5.81 -23.36
CA THR A 58 35.63 -6.67 -22.48
C THR A 58 35.91 -6.23 -21.05
N ALA A 59 35.05 -6.60 -20.11
CA ALA A 59 35.31 -6.43 -18.68
C ALA A 59 34.48 -7.46 -17.93
N TYR A 60 34.79 -7.63 -16.65
CA TYR A 60 34.24 -8.70 -15.80
C TYR A 60 34.05 -8.15 -14.40
N ALA A 61 33.06 -8.68 -13.68
CA ALA A 61 32.94 -8.46 -12.23
C ALA A 61 34.18 -9.04 -11.55
N ASP A 62 34.61 -8.43 -10.44
CA ASP A 62 35.77 -8.90 -9.62
C ASP A 62 35.64 -10.40 -9.34
N SER A 63 34.44 -10.90 -9.04
CA SER A 63 34.31 -12.29 -8.51
C SER A 63 34.53 -13.32 -9.63
N VAL A 64 34.50 -12.92 -10.90
CA VAL A 64 34.62 -13.90 -12.02
C VAL A 64 35.86 -13.63 -12.88
N ARG A 65 36.55 -12.53 -12.64
CA ARG A 65 37.72 -12.12 -13.45
C ARG A 65 38.76 -13.25 -13.35
N GLY A 66 39.26 -13.70 -14.50
CA GLY A 66 40.28 -14.75 -14.64
C GLY A 66 39.69 -16.14 -14.70
N ARG A 67 38.39 -16.30 -14.44
CA ARG A 67 37.70 -17.62 -14.52
C ARG A 67 36.74 -17.63 -15.71
N PHE A 68 36.13 -16.48 -16.04
CA PHE A 68 35.10 -16.41 -17.11
C PHE A 68 35.68 -15.67 -18.31
N ILE A 69 35.25 -16.05 -19.50
CA ILE A 69 35.65 -15.38 -20.76
C ILE A 69 34.41 -15.14 -21.60
N ILE A 70 34.12 -13.86 -21.86
CA ILE A 70 33.01 -13.48 -22.79
C ILE A 70 33.60 -13.47 -24.20
N SER A 71 32.81 -13.84 -25.18
CA SER A 71 33.21 -13.74 -26.60
C SER A 71 31.97 -13.60 -27.44
N ARG A 72 32.11 -13.23 -28.70
CA ARG A 72 30.95 -13.14 -29.61
C ARG A 72 31.41 -13.62 -30.98
N ASP A 73 30.53 -14.32 -31.66
CA ASP A 73 30.70 -14.70 -33.08
C ASP A 73 29.74 -13.84 -33.90
N ASN A 74 30.23 -12.71 -34.40
CA ASN A 74 29.36 -11.72 -35.12
C ASN A 74 28.74 -12.39 -36.33
N ALA A 75 29.46 -13.30 -37.00
CA ALA A 75 28.97 -14.02 -38.19
C ALA A 75 27.79 -14.93 -37.83
N LYS A 76 27.72 -15.44 -36.60
CA LYS A 76 26.69 -16.44 -36.22
C LYS A 76 25.66 -15.79 -35.26
N ASN A 77 25.77 -14.48 -35.00
CA ASN A 77 24.81 -13.73 -34.15
C ASN A 77 24.73 -14.40 -32.77
N THR A 78 25.88 -14.77 -32.21
CA THR A 78 25.91 -15.51 -30.92
C THR A 78 26.90 -14.87 -29.97
N LEU A 79 26.45 -14.70 -28.73
CA LEU A 79 27.29 -14.28 -27.59
C LEU A 79 27.56 -15.52 -26.73
N TYR A 80 28.76 -15.61 -26.18
CA TYR A 80 29.16 -16.76 -25.33
C TYR A 80 29.68 -16.25 -23.99
N LEU A 81 29.56 -17.12 -23.00
CA LEU A 81 30.26 -16.99 -21.71
C LEU A 81 30.87 -18.37 -21.39
N GLU A 82 32.18 -18.44 -21.46
CA GLU A 82 32.95 -19.62 -21.01
C GLU A 82 33.19 -19.42 -19.52
N MET A 83 32.75 -20.38 -18.71
CA MET A 83 32.85 -20.32 -17.24
C MET A 83 33.71 -21.47 -16.75
N ASN A 84 34.83 -21.14 -16.13
CA ASN A 84 35.84 -22.13 -15.64
C ASN A 84 35.93 -22.06 -14.12
N ASN A 85 36.44 -23.14 -13.53
CA ASN A 85 36.70 -23.24 -12.08
C ASN A 85 35.44 -22.79 -11.33
N LEU A 86 34.30 -23.38 -11.68
CA LEU A 86 33.00 -22.94 -11.13
C LEU A 86 32.94 -23.24 -9.63
N ARG A 87 32.32 -22.33 -8.89
CA ARG A 87 32.13 -22.42 -7.43
C ARG A 87 30.64 -22.36 -7.10
N GLY A 88 30.26 -22.76 -5.87
CA GLY A 88 28.87 -22.63 -5.37
C GLY A 88 28.30 -21.21 -5.55
N GLU A 89 29.14 -20.20 -5.36
CA GLU A 89 28.76 -18.76 -5.48
C GLU A 89 28.35 -18.46 -6.93
N ASP A 90 28.67 -19.33 -7.91
CA ASP A 90 28.32 -19.06 -9.33
C ASP A 90 26.94 -19.61 -9.67
N THR A 91 26.31 -20.39 -8.78
CA THR A 91 24.93 -20.89 -8.99
C THR A 91 24.00 -19.70 -9.17
N ALA A 92 23.29 -19.65 -10.28
CA ALA A 92 22.46 -18.46 -10.62
C ALA A 92 21.76 -18.70 -11.94
N VAL A 93 20.74 -17.89 -12.18
CA VAL A 93 20.18 -17.70 -13.54
C VAL A 93 21.07 -16.67 -14.24
N TYR A 94 21.53 -17.02 -15.44
CA TYR A 94 22.42 -16.16 -16.26
C TYR A 94 21.57 -15.61 -17.40
N TYR A 95 21.58 -14.30 -17.50
CA TYR A 95 20.88 -13.52 -18.53
C TYR A 95 21.89 -12.89 -19.47
N CYS A 96 21.55 -12.89 -20.76
CA CYS A 96 22.19 -11.95 -21.70
C CYS A 96 21.23 -10.80 -21.99
N ALA A 97 21.82 -9.65 -22.27
CA ALA A 97 21.08 -8.41 -22.57
C ALA A 97 21.83 -7.65 -23.67
N ARG A 98 21.07 -6.95 -24.51
CA ARG A 98 21.63 -6.05 -25.54
C ARG A 98 21.90 -4.67 -24.93
N GLY A 99 23.07 -4.10 -25.18
CA GLY A 99 23.38 -2.71 -24.81
C GLY A 99 22.72 -1.76 -25.78
N ASP A 100 21.77 -0.92 -25.32
CA ASP A 100 21.36 0.29 -26.06
CA ASP A 100 21.39 0.31 -26.09
C ASP A 100 21.65 1.55 -25.20
N GLY A 101 20.64 2.35 -24.90
CA GLY A 101 20.74 3.32 -23.78
C GLY A 101 20.93 2.60 -22.46
N GLY A 102 20.30 1.44 -22.30
CA GLY A 102 20.49 0.62 -21.09
C GLY A 102 20.58 -0.84 -21.50
N LEU A 103 20.46 -1.78 -20.58
CA LEU A 103 20.44 -3.21 -20.94
C LEU A 103 19.02 -3.59 -21.31
N ASP A 104 18.85 -4.16 -22.49
CA ASP A 104 17.54 -4.29 -23.13
C ASP A 104 17.39 -5.70 -23.68
N ASP A 105 16.17 -6.09 -24.00
CA ASP A 105 15.80 -7.36 -24.69
C ASP A 105 16.36 -8.56 -23.93
N TRP A 106 16.28 -8.51 -22.62
CA TRP A 106 16.83 -9.59 -21.76
C TRP A 106 16.27 -10.93 -22.21
N GLY A 107 17.09 -11.98 -22.23
CA GLY A 107 16.54 -13.33 -22.49
C GLY A 107 15.83 -13.88 -21.27
N GLN A 108 15.29 -15.10 -21.39
CA GLN A 108 14.54 -15.81 -20.32
C GLN A 108 15.51 -16.28 -19.24
N GLY A 109 16.80 -16.33 -19.55
CA GLY A 109 17.85 -16.73 -18.59
C GLY A 109 18.06 -18.25 -18.63
N THR A 110 19.24 -18.69 -18.22
CA THR A 110 19.57 -20.15 -18.14
C THR A 110 20.14 -20.40 -16.74
N LEU A 111 19.61 -21.39 -16.04
CA LEU A 111 20.03 -21.71 -14.66
C LEU A 111 21.29 -22.58 -14.70
N VAL A 112 22.31 -22.16 -13.97
CA VAL A 112 23.57 -22.91 -13.77
C VAL A 112 23.58 -23.30 -12.31
N THR A 113 23.68 -24.60 -12.03
CA THR A 113 23.75 -25.11 -10.63
C THR A 113 25.11 -25.77 -10.45
N VAL A 114 25.92 -25.23 -9.54
CA VAL A 114 27.28 -25.73 -9.26
C VAL A 114 27.20 -26.55 -7.98
N SER A 115 27.25 -27.87 -8.15
CA SER A 115 26.96 -28.83 -7.05
C SER A 115 27.57 -30.19 -7.42
N SER A 116 27.96 -30.95 -6.38
CA SER A 116 28.42 -32.34 -6.53
C SER A 116 27.28 -33.31 -6.22
N ALA A 117 26.08 -32.82 -5.92
CA ALA A 117 24.91 -33.70 -5.63
C ALA A 117 24.37 -34.33 -6.93
N SER A 118 23.81 -35.51 -6.80
CA SER A 118 23.26 -36.32 -7.92
C SER A 118 21.93 -35.75 -8.42
N THR A 119 21.69 -35.90 -9.72
CA THR A 119 20.37 -35.69 -10.30
C THR A 119 19.40 -36.69 -9.69
N LYS A 120 18.22 -36.24 -9.31
CA LYS A 120 17.14 -37.15 -8.85
C LYS A 120 15.81 -36.60 -9.37
N GLY A 121 15.04 -37.43 -10.05
CA GLY A 121 13.72 -37.00 -10.55
C GLY A 121 12.66 -37.05 -9.45
N PRO A 122 11.65 -36.18 -9.57
CA PRO A 122 10.57 -36.12 -8.60
C PRO A 122 9.58 -37.29 -8.71
N SER A 123 8.91 -37.57 -7.58
CA SER A 123 7.62 -38.30 -7.54
C SER A 123 6.51 -37.27 -7.64
N VAL A 124 5.44 -37.59 -8.34
CA VAL A 124 4.32 -36.64 -8.55
C VAL A 124 3.08 -37.29 -7.96
N PHE A 125 2.47 -36.65 -6.98
CA PHE A 125 1.27 -37.20 -6.31
C PHE A 125 0.12 -36.22 -6.49
N PRO A 126 -1.13 -36.71 -6.65
CA PRO A 126 -2.26 -35.81 -6.75
C PRO A 126 -2.65 -35.19 -5.40
N LEU A 127 -3.14 -33.97 -5.52
CA LEU A 127 -3.86 -33.22 -4.46
C LEU A 127 -5.30 -33.19 -4.95
N ALA A 128 -6.07 -34.19 -4.56
CA ALA A 128 -7.41 -34.47 -5.13
C ALA A 128 -8.44 -33.49 -4.58
N PRO A 129 -9.39 -32.95 -5.39
CA PRO A 129 -10.47 -32.14 -4.85
C PRO A 129 -11.40 -33.00 -3.96
N SER A 130 -11.85 -32.47 -2.84
CA SER A 130 -12.66 -33.19 -1.81
C SER A 130 -14.11 -32.68 -1.80
N SER A 131 -15.05 -33.45 -1.21
CA SER A 131 -16.45 -33.02 -0.90
C SER A 131 -16.49 -32.19 0.39
N LYS A 132 -16.83 -30.89 0.28
CA LYS A 132 -16.93 -29.91 1.40
C LYS A 132 -18.26 -29.14 1.29
N GLY A 136 -20.05 -24.57 -2.19
CA GLY A 136 -18.77 -23.87 -2.42
C GLY A 136 -18.83 -22.88 -3.58
N GLY A 137 -18.86 -23.36 -4.83
CA GLY A 137 -18.61 -22.57 -6.05
C GLY A 137 -17.22 -22.84 -6.65
N THR A 138 -16.19 -22.92 -5.80
CA THR A 138 -14.77 -23.01 -6.23
C THR A 138 -14.17 -24.28 -5.63
N ALA A 139 -13.46 -25.02 -6.45
CA ALA A 139 -12.75 -26.23 -6.00
C ALA A 139 -11.26 -25.99 -6.21
N ALA A 140 -10.45 -26.59 -5.36
CA ALA A 140 -9.00 -26.59 -5.51
C ALA A 140 -8.49 -28.00 -5.70
N LEU A 141 -7.51 -28.13 -6.58
CA LEU A 141 -6.79 -29.40 -6.81
C LEU A 141 -5.35 -29.09 -7.18
N GLY A 142 -4.50 -30.10 -7.18
CA GLY A 142 -3.08 -29.84 -7.43
C GLY A 142 -2.26 -31.09 -7.61
N CYS A 143 -0.96 -30.87 -7.72
CA CYS A 143 0.08 -31.91 -7.78
C CYS A 143 1.18 -31.53 -6.82
N LEU A 144 1.60 -32.49 -6.04
CA LEU A 144 2.79 -32.42 -5.16
C LEU A 144 3.95 -33.06 -5.93
N VAL A 145 4.99 -32.27 -6.17
CA VAL A 145 6.19 -32.71 -6.92
C VAL A 145 7.33 -32.83 -5.93
N LYS A 146 7.61 -34.05 -5.49
CA LYS A 146 8.40 -34.27 -4.26
C LYS A 146 9.75 -34.93 -4.57
N ASP A 147 10.79 -34.48 -3.86
CA ASP A 147 12.11 -35.16 -3.73
C ASP A 147 12.85 -35.13 -5.07
N TYR A 148 13.27 -33.95 -5.52
CA TYR A 148 14.05 -33.83 -6.76
C TYR A 148 15.28 -32.95 -6.53
N PHE A 149 16.23 -33.09 -7.43
CA PHE A 149 17.44 -32.23 -7.45
C PHE A 149 18.05 -32.31 -8.84
N PRO A 150 18.59 -31.22 -9.42
CA PRO A 150 18.51 -29.85 -8.93
C PRO A 150 17.19 -29.18 -9.37
N GLU A 151 17.07 -27.87 -9.14
CA GLU A 151 16.06 -27.05 -9.83
C GLU A 151 16.42 -27.05 -11.30
N PRO A 152 15.50 -26.71 -12.24
CA PRO A 152 14.10 -26.46 -11.94
C PRO A 152 13.17 -27.59 -12.34
N VAL A 153 11.93 -27.48 -11.91
CA VAL A 153 10.82 -28.28 -12.49
C VAL A 153 9.84 -27.28 -13.11
N THR A 154 9.21 -27.68 -14.20
CA THR A 154 8.10 -26.92 -14.79
C THR A 154 6.81 -27.68 -14.58
N VAL A 155 5.75 -26.94 -14.30
CA VAL A 155 4.39 -27.54 -14.19
C VAL A 155 3.47 -26.73 -15.07
N SER A 156 2.80 -27.42 -16.00
CA SER A 156 1.64 -26.86 -16.71
C SER A 156 0.40 -27.69 -16.35
N TRP A 157 -0.76 -27.16 -16.72
CA TRP A 157 -2.04 -27.86 -16.51
C TRP A 157 -2.72 -28.06 -17.87
N ASN A 158 -3.23 -29.24 -18.12
CA ASN A 158 -3.96 -29.58 -19.37
C ASN A 158 -3.14 -29.06 -20.55
N SER A 159 -1.84 -29.37 -20.53
CA SER A 159 -0.88 -29.06 -21.62
C SER A 159 -0.87 -27.58 -21.94
N GLY A 160 -1.09 -26.72 -20.95
CA GLY A 160 -1.01 -25.26 -21.12
C GLY A 160 -2.36 -24.63 -21.43
N ALA A 161 -3.41 -25.42 -21.63
CA ALA A 161 -4.79 -24.91 -21.88
C ALA A 161 -5.35 -24.29 -20.58
N LEU A 162 -4.86 -24.71 -19.40
CA LEU A 162 -5.39 -24.20 -18.11
C LEU A 162 -4.31 -23.34 -17.43
N THR A 163 -4.53 -22.04 -17.35
CA THR A 163 -3.56 -21.06 -16.79
C THR A 163 -4.24 -20.22 -15.70
N SER A 164 -5.53 -19.91 -15.85
CA SER A 164 -6.27 -19.08 -14.86
C SER A 164 -6.36 -19.82 -13.53
N GLY A 165 -5.96 -19.16 -12.47
CA GLY A 165 -6.14 -19.69 -11.11
C GLY A 165 -5.03 -20.66 -10.73
N VAL A 166 -4.00 -20.83 -11.55
CA VAL A 166 -2.85 -21.71 -11.24
C VAL A 166 -1.87 -20.97 -10.31
N HIS A 167 -1.46 -21.63 -9.23
CA HIS A 167 -0.35 -21.17 -8.38
C HIS A 167 0.64 -22.33 -8.27
N THR A 168 1.82 -22.15 -8.85
CA THR A 168 2.97 -23.06 -8.66
C THR A 168 3.89 -22.44 -7.62
N PHE A 169 3.97 -23.06 -6.44
CA PHE A 169 4.73 -22.53 -5.30
C PHE A 169 6.24 -22.62 -5.59
N PRO A 170 7.01 -21.67 -5.04
CA PRO A 170 8.46 -21.79 -4.96
C PRO A 170 8.80 -23.13 -4.32
N ALA A 171 9.82 -23.79 -4.86
CA ALA A 171 10.34 -25.04 -4.29
C ALA A 171 10.91 -24.74 -2.90
N VAL A 172 10.77 -25.67 -1.98
CA VAL A 172 11.44 -25.61 -0.64
C VAL A 172 12.47 -26.74 -0.57
N LEU A 173 13.61 -26.42 0.03
CA LEU A 173 14.67 -27.41 0.26
C LEU A 173 14.33 -28.15 1.54
N GLN A 174 14.20 -29.48 1.49
CA GLN A 174 13.84 -30.34 2.64
C GLN A 174 15.12 -30.67 3.44
N SER A 175 14.95 -31.29 4.60
CA SER A 175 16.07 -31.71 5.48
CA SER A 175 16.09 -31.70 5.47
C SER A 175 17.03 -32.64 4.70
N SER A 176 16.48 -33.42 3.76
CA SER A 176 17.25 -34.36 2.92
C SER A 176 18.18 -33.60 1.97
N GLY A 177 17.93 -32.33 1.66
CA GLY A 177 18.63 -31.60 0.59
C GLY A 177 17.98 -31.79 -0.78
N LEU A 178 16.85 -32.47 -0.83
CA LEU A 178 16.02 -32.53 -2.06
C LEU A 178 14.92 -31.47 -1.98
N TYR A 179 14.54 -30.96 -3.13
CA TYR A 179 13.46 -29.98 -3.25
C TYR A 179 12.09 -30.67 -3.31
N SER A 180 11.07 -29.90 -2.94
CA SER A 180 9.64 -30.26 -3.11
C SER A 180 8.87 -29.01 -3.49
N LEU A 181 7.84 -29.13 -4.32
CA LEU A 181 6.88 -28.02 -4.51
C LEU A 181 5.50 -28.56 -4.82
N SER A 182 4.49 -27.73 -4.62
CA SER A 182 3.13 -28.06 -5.09
C SER A 182 2.76 -27.05 -6.16
N SER A 183 1.95 -27.54 -7.09
CA SER A 183 1.22 -26.67 -8.05
C SER A 183 -0.26 -26.88 -7.79
N VAL A 184 -1.02 -25.80 -7.60
CA VAL A 184 -2.48 -25.90 -7.35
C VAL A 184 -3.21 -25.08 -8.41
N VAL A 185 -4.49 -25.38 -8.55
CA VAL A 185 -5.38 -24.55 -9.40
C VAL A 185 -6.75 -24.55 -8.77
N THR A 186 -7.40 -23.38 -8.77
CA THR A 186 -8.82 -23.27 -8.39
C THR A 186 -9.63 -23.25 -9.68
N VAL A 187 -10.70 -24.03 -9.67
CA VAL A 187 -11.59 -24.20 -10.84
C VAL A 187 -13.03 -24.09 -10.33
N PRO A 188 -14.00 -23.84 -11.24
CA PRO A 188 -15.39 -23.91 -10.86
C PRO A 188 -15.73 -25.33 -10.38
N SER A 189 -16.37 -25.46 -9.23
CA SER A 189 -16.78 -26.79 -8.70
C SER A 189 -17.76 -27.42 -9.70
N SER A 190 -18.47 -26.61 -10.47
CA SER A 190 -19.40 -27.08 -11.53
C SER A 190 -18.67 -27.88 -12.62
N SER A 191 -17.34 -27.74 -12.77
CA SER A 191 -16.54 -28.41 -13.82
C SER A 191 -16.14 -29.85 -13.41
N LEU A 192 -16.24 -30.21 -12.13
CA LEU A 192 -15.54 -31.41 -11.60
C LEU A 192 -16.10 -32.69 -12.21
N GLY A 193 -17.36 -32.69 -12.59
CA GLY A 193 -18.02 -33.89 -13.13
C GLY A 193 -17.42 -34.31 -14.45
N THR A 194 -17.09 -33.34 -15.31
CA THR A 194 -16.84 -33.53 -16.75
C THR A 194 -15.42 -33.13 -17.16
N GLN A 195 -14.81 -32.14 -16.51
CA GLN A 195 -13.50 -31.59 -16.95
C GLN A 195 -12.39 -32.47 -16.36
N THR A 196 -11.48 -32.95 -17.21
CA THR A 196 -10.29 -33.69 -16.74
CA THR A 196 -10.27 -33.69 -16.81
C THR A 196 -9.18 -32.67 -16.45
N TYR A 197 -8.46 -32.92 -15.37
CA TYR A 197 -7.34 -32.05 -14.90
C TYR A 197 -6.08 -32.89 -14.83
N ILE A 198 -5.09 -32.50 -15.61
CA ILE A 198 -3.78 -33.23 -15.69
C ILE A 198 -2.68 -32.22 -15.45
N CYS A 199 -1.83 -32.51 -14.49
CA CYS A 199 -0.62 -31.67 -14.32
C CYS A 199 0.50 -32.30 -15.15
N ASN A 200 1.19 -31.48 -15.91
CA ASN A 200 2.31 -31.86 -16.81
C ASN A 200 3.59 -31.39 -16.10
N VAL A 201 4.34 -32.33 -15.54
CA VAL A 201 5.56 -32.01 -14.75
C VAL A 201 6.76 -32.39 -15.61
N ASN A 202 7.73 -31.51 -15.75
CA ASN A 202 8.98 -31.80 -16.48
C ASN A 202 10.16 -31.39 -15.58
N HIS A 203 10.98 -32.38 -15.23
CA HIS A 203 12.27 -32.16 -14.55
C HIS A 203 13.35 -32.52 -15.56
N LYS A 204 13.72 -31.56 -16.41
CA LYS A 204 14.66 -31.83 -17.52
C LYS A 204 15.99 -32.35 -17.02
N PRO A 205 16.57 -31.87 -15.89
CA PRO A 205 17.87 -32.39 -15.47
C PRO A 205 17.94 -33.91 -15.29
N SER A 206 16.83 -34.57 -14.98
CA SER A 206 16.79 -36.04 -14.73
C SER A 206 16.01 -36.75 -15.84
N ASN A 207 15.58 -36.02 -16.88
CA ASN A 207 14.76 -36.60 -17.96
C ASN A 207 13.48 -37.21 -17.40
N THR A 208 12.84 -36.58 -16.41
CA THR A 208 11.62 -37.08 -15.79
C THR A 208 10.43 -36.21 -16.23
N LYS A 209 9.57 -36.79 -17.04
CA LYS A 209 8.32 -36.15 -17.49
C LYS A 209 7.17 -36.99 -16.99
N VAL A 210 6.23 -36.36 -16.32
CA VAL A 210 5.07 -37.08 -15.73
C VAL A 210 3.83 -36.27 -16.06
N ASP A 211 2.80 -36.94 -16.59
CA ASP A 211 1.44 -36.36 -16.73
C ASP A 211 0.55 -37.07 -15.71
N LYS A 212 0.11 -36.35 -14.67
CA LYS A 212 -0.67 -36.95 -13.57
C LYS A 212 -2.11 -36.42 -13.66
N LYS A 213 -3.04 -37.37 -13.82
CA LYS A 213 -4.47 -37.07 -13.77
C LYS A 213 -4.86 -36.85 -12.31
N VAL A 214 -5.55 -35.74 -12.04
CA VAL A 214 -6.01 -35.42 -10.67
C VAL A 214 -7.54 -35.54 -10.66
N GLU A 215 -7.99 -36.60 -10.03
CA GLU A 215 -9.41 -37.03 -10.07
C GLU A 215 -10.03 -36.76 -8.72
N PRO A 216 -11.30 -36.29 -8.68
CA PRO A 216 -11.98 -36.12 -7.40
C PRO A 216 -12.08 -37.46 -6.68
N LYS A 217 -12.06 -37.44 -5.34
CA LYS A 217 -12.23 -38.64 -4.47
C LYS A 217 -13.64 -38.66 -3.88
N ASP B 1 35.33 0.24 -7.82
CA ASP B 1 33.95 -0.14 -8.24
C ASP B 1 32.97 0.89 -7.67
N ILE B 2 31.99 1.30 -8.46
CA ILE B 2 30.91 2.20 -8.02
C ILE B 2 29.84 1.33 -7.35
N GLN B 3 29.46 1.74 -6.14
CA GLN B 3 28.38 1.15 -5.32
C GLN B 3 27.10 1.99 -5.48
N LEU B 4 25.98 1.34 -5.79
CA LEU B 4 24.64 1.95 -5.81
C LEU B 4 23.88 1.40 -4.62
N THR B 5 23.29 2.29 -3.83
CA THR B 5 22.46 1.93 -2.66
C THR B 5 21.06 2.45 -2.92
N GLN B 6 20.08 1.55 -2.94
CA GLN B 6 18.67 1.97 -3.12
C GLN B 6 18.03 2.14 -1.76
N SER B 7 17.00 2.96 -1.72
CA SER B 7 16.18 3.13 -0.50
C SER B 7 14.77 3.46 -0.93
N PRO B 8 13.74 2.86 -0.33
CA PRO B 8 13.90 1.88 0.76
C PRO B 8 14.18 0.49 0.18
N ASP B 9 14.50 -0.50 1.01
CA ASP B 9 14.61 -1.91 0.57
C ASP B 9 13.22 -2.43 0.17
N SER B 10 12.19 -2.05 0.92
CA SER B 10 10.79 -2.52 0.77
C SER B 10 9.86 -1.31 0.76
N LEU B 11 8.88 -1.33 -0.11
CA LEU B 11 7.93 -0.22 -0.26
C LEU B 11 6.55 -0.78 -0.53
N ALA B 12 5.55 -0.36 0.23
CA ALA B 12 4.15 -0.76 0.04
C ALA B 12 3.36 0.50 -0.33
N VAL B 13 2.70 0.47 -1.49
CA VAL B 13 1.98 1.66 -2.02
C VAL B 13 0.62 1.18 -2.50
N SER B 14 -0.43 1.96 -2.24
CA SER B 14 -1.81 1.62 -2.64
C SER B 14 -1.99 1.83 -4.15
N LEU B 15 -2.89 1.07 -4.73
CA LEU B 15 -3.34 1.32 -6.12
C LEU B 15 -3.73 2.79 -6.29
N GLY B 16 -3.28 3.40 -7.39
CA GLY B 16 -3.59 4.80 -7.73
C GLY B 16 -2.67 5.79 -7.04
N GLU B 17 -1.85 5.35 -6.09
CA GLU B 17 -0.96 6.26 -5.31
C GLU B 17 0.44 6.31 -5.95
N ARG B 18 1.35 7.02 -5.29
CA ARG B 18 2.66 7.39 -5.85
C ARG B 18 3.76 6.69 -5.06
N ALA B 19 4.70 6.08 -5.77
CA ALA B 19 5.91 5.43 -5.20
C ALA B 19 7.13 6.29 -5.52
N THR B 20 8.00 6.41 -4.53
CA THR B 20 9.28 7.14 -4.65
C THR B 20 10.41 6.18 -4.23
N ILE B 21 11.32 5.88 -5.15
CA ILE B 21 12.43 4.93 -4.93
C ILE B 21 13.72 5.68 -5.24
N ASN B 22 14.62 5.72 -4.28
CA ASN B 22 15.89 6.45 -4.46
C ASN B 22 17.02 5.49 -4.78
N CYS B 23 18.01 6.04 -5.50
CA CYS B 23 19.29 5.35 -5.82
C CYS B 23 20.43 6.35 -5.59
N LYS B 24 21.37 5.99 -4.73
CA LYS B 24 22.54 6.82 -4.39
C LYS B 24 23.78 6.14 -4.96
N SER B 25 24.58 6.83 -5.79
CA SER B 25 25.86 6.27 -6.28
C SER B 25 27.03 6.77 -5.42
N SER B 26 28.04 5.93 -5.26
CA SER B 26 29.22 6.23 -4.41
C SER B 26 30.10 7.29 -5.07
N GLN B 27 29.93 7.51 -6.37
CA GLN B 27 30.60 8.60 -7.08
C GLN B 27 29.74 9.08 -8.24
N SER B 28 30.08 10.25 -8.77
CA SER B 28 29.32 10.87 -9.89
C SER B 28 29.29 9.91 -11.07
N ILE B 29 28.14 9.81 -11.72
CA ILE B 29 27.99 9.03 -12.98
C ILE B 29 27.50 9.99 -14.07
N PHE B 30 27.83 11.26 -13.94
CA PHE B 30 27.61 12.28 -15.00
C PHE B 30 28.80 12.24 -15.94
N ARG B 31 28.56 11.83 -17.18
CA ARG B 31 29.60 11.80 -18.22
C ARG B 31 29.58 13.16 -18.91
N THR B 32 30.51 14.02 -18.54
CA THR B 32 30.57 15.45 -18.99
C THR B 32 30.48 15.52 -20.51
N SER B 33 31.27 14.69 -21.20
CA SER B 33 31.41 14.67 -22.67
C SER B 33 30.06 14.33 -23.33
N ARG B 34 29.14 13.66 -22.63
CA ARG B 34 27.84 13.24 -23.24
C ARG B 34 26.69 14.10 -22.71
N ASN B 35 26.96 14.88 -21.67
CA ASN B 35 25.93 15.65 -20.94
C ASN B 35 24.82 14.70 -20.51
N LYS B 36 25.17 13.52 -20.00
CA LYS B 36 24.19 12.51 -19.56
C LYS B 36 24.64 11.89 -18.24
N ASN B 37 23.70 11.68 -17.33
CA ASN B 37 23.87 10.84 -16.11
C ASN B 37 23.56 9.42 -16.54
N LEU B 38 24.50 8.49 -16.41
CA LEU B 38 24.38 7.16 -17.03
C LEU B 38 23.78 6.21 -16.00
N LEU B 39 22.52 6.46 -15.67
CA LEU B 39 21.76 5.64 -14.70
C LEU B 39 20.57 4.98 -15.40
N ASN B 40 20.42 3.67 -15.20
CA ASN B 40 19.32 2.87 -15.76
C ASN B 40 18.41 2.42 -14.63
N TRP B 41 17.11 2.32 -14.93
CA TRP B 41 16.10 1.73 -14.02
C TRP B 41 15.46 0.52 -14.70
N TYR B 42 15.29 -0.56 -13.92
CA TYR B 42 14.62 -1.79 -14.38
C TYR B 42 13.47 -2.13 -13.46
N GLN B 43 12.47 -2.78 -14.07
CA GLN B 43 11.37 -3.46 -13.40
C GLN B 43 11.58 -4.97 -13.57
N GLN B 44 11.54 -5.74 -12.51
CA GLN B 44 11.58 -7.22 -12.64
C GLN B 44 10.36 -7.78 -11.93
N ARG B 45 9.35 -8.05 -12.73
CA ARG B 45 8.09 -8.66 -12.25
C ARG B 45 8.38 -10.10 -11.85
N PRO B 46 7.55 -10.66 -10.93
CA PRO B 46 7.75 -12.03 -10.46
C PRO B 46 7.85 -13.06 -11.60
N GLY B 47 8.91 -13.86 -11.62
CA GLY B 47 9.13 -14.94 -12.58
C GLY B 47 9.52 -14.43 -13.98
N GLN B 48 9.80 -13.13 -14.14
CA GLN B 48 10.08 -12.52 -15.47
C GLN B 48 11.53 -12.06 -15.52
N PRO B 49 12.09 -11.95 -16.73
CA PRO B 49 13.34 -11.23 -16.91
C PRO B 49 13.15 -9.74 -16.62
N PRO B 50 14.21 -9.02 -16.23
CA PRO B 50 14.15 -7.58 -16.06
C PRO B 50 13.69 -6.89 -17.36
N ARG B 51 13.05 -5.75 -17.17
CA ARG B 51 12.55 -4.85 -18.24
C ARG B 51 13.20 -3.48 -18.01
N LEU B 52 13.82 -2.92 -19.04
CA LEU B 52 14.38 -1.56 -18.97
C LEU B 52 13.22 -0.56 -18.98
N LEU B 53 13.22 0.36 -18.02
CA LEU B 53 12.22 1.44 -17.93
C LEU B 53 12.85 2.71 -18.46
N ILE B 54 14.04 3.03 -17.95
CA ILE B 54 14.65 4.39 -18.10
C ILE B 54 16.15 4.21 -18.27
N HIS B 55 16.75 4.98 -19.16
CA HIS B 55 18.22 5.13 -19.22
C HIS B 55 18.59 6.61 -19.24
N TRP B 56 19.87 6.94 -19.16
CA TRP B 56 20.35 8.33 -19.06
C TRP B 56 19.61 9.06 -17.92
N ALA B 57 19.26 8.32 -16.85
CA ALA B 57 18.61 8.82 -15.62
C ALA B 57 17.14 9.20 -15.83
N SER B 58 16.76 9.82 -16.95
CA SER B 58 15.40 10.39 -17.12
C SER B 58 14.78 10.06 -18.48
N THR B 59 15.45 9.33 -19.40
CA THR B 59 14.86 9.01 -20.72
C THR B 59 14.12 7.67 -20.65
N ARG B 60 12.80 7.69 -20.83
CA ARG B 60 11.96 6.49 -20.82
C ARG B 60 12.25 5.70 -22.08
N LYS B 61 12.34 4.38 -21.96
CA LYS B 61 12.35 3.51 -23.15
C LYS B 61 10.97 3.62 -23.82
N SER B 62 10.96 3.56 -25.14
CA SER B 62 9.71 3.61 -25.93
C SER B 62 8.79 2.48 -25.47
N GLY B 63 7.52 2.80 -25.24
CA GLY B 63 6.48 1.84 -24.80
C GLY B 63 6.36 1.78 -23.29
N VAL B 64 7.27 2.38 -22.54
CA VAL B 64 7.10 2.45 -21.05
C VAL B 64 6.09 3.57 -20.74
N PRO B 65 5.05 3.29 -19.93
CA PRO B 65 4.08 4.31 -19.54
C PRO B 65 4.73 5.53 -18.90
N ASP B 66 4.16 6.71 -19.15
CA ASP B 66 4.65 7.98 -18.57
C ASP B 66 4.38 8.04 -17.05
N ARG B 67 3.73 7.04 -16.48
CA ARG B 67 3.60 6.91 -15.00
C ARG B 67 4.99 6.71 -14.39
N PHE B 68 5.93 6.17 -15.17
CA PHE B 68 7.32 5.94 -14.70
C PHE B 68 8.20 7.13 -15.07
N SER B 69 8.84 7.77 -14.10
CA SER B 69 9.73 8.91 -14.44
C SER B 69 10.99 8.85 -13.59
N GLY B 70 12.10 9.20 -14.24
CA GLY B 70 13.41 9.22 -13.57
C GLY B 70 13.91 10.62 -13.43
N SER B 71 14.54 10.90 -12.31
CA SER B 71 15.07 12.24 -11.99
C SER B 71 16.37 12.10 -11.20
N GLY B 72 17.08 13.23 -11.05
CA GLY B 72 18.31 13.27 -10.27
C GLY B 72 19.52 13.71 -11.10
N PHE B 73 20.63 13.92 -10.44
CA PHE B 73 21.89 14.34 -11.07
C PHE B 73 23.04 13.85 -10.21
N GLY B 74 24.15 13.44 -10.85
CA GLY B 74 25.44 13.25 -10.15
C GLY B 74 25.44 11.96 -9.37
N THR B 75 25.14 12.00 -8.09
CA THR B 75 25.10 10.79 -7.21
C THR B 75 23.68 10.48 -6.73
N ASP B 76 22.67 11.34 -6.93
CA ASP B 76 21.34 11.13 -6.29
C ASP B 76 20.23 11.02 -7.33
N PHE B 77 19.56 9.87 -7.39
CA PHE B 77 18.59 9.59 -8.45
C PHE B 77 17.31 9.05 -7.79
N THR B 78 16.22 9.26 -8.49
CA THR B 78 14.88 8.87 -8.01
C THR B 78 14.07 8.29 -9.18
N LEU B 79 13.42 7.16 -8.94
CA LEU B 79 12.32 6.64 -9.78
C LEU B 79 11.01 6.97 -9.09
N THR B 80 10.14 7.65 -9.80
CA THR B 80 8.76 7.96 -9.32
C THR B 80 7.79 7.15 -10.15
N ILE B 81 6.88 6.45 -9.49
CA ILE B 81 5.76 5.74 -10.18
C ILE B 81 4.45 6.40 -9.72
N THR B 82 3.72 7.04 -10.62
CA THR B 82 2.39 7.60 -10.29
C THR B 82 1.30 6.61 -10.67
N SER B 83 0.09 6.82 -10.15
CA SER B 83 -1.12 6.02 -10.48
C SER B 83 -0.78 4.54 -10.46
N LEU B 84 -0.29 4.05 -9.34
CA LEU B 84 0.21 2.65 -9.25
C LEU B 84 -0.89 1.69 -9.73
N GLN B 85 -0.48 0.73 -10.54
CA GLN B 85 -1.34 -0.33 -11.09
C GLN B 85 -0.93 -1.67 -10.49
N ALA B 86 -1.85 -2.63 -10.49
CA ALA B 86 -1.58 -3.97 -9.94
C ALA B 86 -0.35 -4.58 -10.64
N GLU B 87 -0.19 -4.35 -11.95
CA GLU B 87 0.89 -5.01 -12.74
C GLU B 87 2.25 -4.38 -12.44
N ASP B 88 2.32 -3.33 -11.62
CA ASP B 88 3.60 -2.70 -11.24
C ASP B 88 4.29 -3.50 -10.12
N VAL B 89 3.65 -4.53 -9.57
CA VAL B 89 4.32 -5.34 -8.52
C VAL B 89 5.58 -5.94 -9.11
N ALA B 90 6.70 -5.68 -8.48
CA ALA B 90 8.02 -6.02 -9.04
C ALA B 90 9.09 -5.68 -8.02
N ILE B 91 10.29 -6.08 -8.33
CA ILE B 91 11.49 -5.49 -7.69
C ILE B 91 12.07 -4.51 -8.72
N TYR B 92 12.41 -3.32 -8.27
CA TYR B 92 12.95 -2.25 -9.13
C TYR B 92 14.43 -2.13 -8.82
N TYR B 93 15.25 -2.05 -9.87
CA TYR B 93 16.71 -1.93 -9.73
C TYR B 93 17.19 -0.69 -10.47
N CYS B 94 18.13 0.02 -9.86
CA CYS B 94 18.98 0.97 -10.62
C CYS B 94 20.29 0.29 -11.02
N GLN B 95 20.96 0.84 -12.01
CA GLN B 95 22.26 0.32 -12.49
C GLN B 95 23.03 1.51 -13.06
N GLN B 96 24.33 1.60 -12.78
CA GLN B 96 25.16 2.63 -13.45
C GLN B 96 25.78 2.04 -14.71
N TYR B 97 25.88 2.84 -15.77
CA TYR B 97 26.41 2.45 -17.09
C TYR B 97 27.59 3.37 -17.44
N PHE B 98 28.28 3.84 -16.41
CA PHE B 98 29.33 4.89 -16.45
C PHE B 98 30.71 4.24 -16.60
N SER B 99 31.02 3.26 -15.75
CA SER B 99 32.33 2.56 -15.82
C SER B 99 32.16 1.14 -15.29
N PRO B 100 32.74 0.16 -16.00
CA PRO B 100 32.63 -1.24 -15.59
C PRO B 100 33.43 -1.48 -14.31
N PRO B 101 32.99 -2.41 -13.43
CA PRO B 101 31.75 -3.17 -13.64
C PRO B 101 30.49 -2.29 -13.52
N TYR B 102 29.52 -2.58 -14.38
CA TYR B 102 28.26 -1.81 -14.53
C TYR B 102 27.27 -2.29 -13.45
N THR B 103 27.56 -1.89 -12.22
CA THR B 103 26.94 -2.34 -10.97
C THR B 103 25.46 -1.94 -10.89
N PHE B 104 24.66 -2.87 -10.35
CA PHE B 104 23.25 -2.70 -9.95
C PHE B 104 23.17 -2.32 -8.46
N GLY B 105 22.15 -1.53 -8.13
CA GLY B 105 21.68 -1.41 -6.74
C GLY B 105 21.12 -2.75 -6.28
N GLN B 106 20.75 -2.82 -5.01
CA GLN B 106 20.40 -4.12 -4.36
C GLN B 106 18.94 -4.42 -4.64
N GLY B 107 18.18 -3.47 -5.21
CA GLY B 107 16.74 -3.67 -5.47
C GLY B 107 15.85 -3.08 -4.39
N THR B 108 14.68 -2.63 -4.82
CA THR B 108 13.56 -2.16 -3.97
C THR B 108 12.34 -3.01 -4.31
N LYS B 109 11.84 -3.74 -3.33
CA LYS B 109 10.68 -4.61 -3.57
C LYS B 109 9.41 -3.80 -3.38
N LEU B 110 8.58 -3.69 -4.41
CA LEU B 110 7.32 -2.94 -4.37
C LEU B 110 6.13 -3.88 -4.20
N GLU B 111 5.47 -3.73 -3.06
CA GLU B 111 4.21 -4.38 -2.67
C GLU B 111 3.06 -3.44 -3.00
N ILE B 112 2.00 -4.00 -3.59
CA ILE B 112 0.73 -3.27 -3.85
C ILE B 112 -0.13 -3.42 -2.60
N LYS B 113 -0.56 -2.29 -2.03
CA LYS B 113 -1.52 -2.34 -0.91
C LYS B 113 -2.92 -2.39 -1.54
N ARG B 114 -3.72 -3.34 -1.08
CA ARG B 114 -5.13 -3.47 -1.52
C ARG B 114 -5.97 -3.76 -0.29
N THR B 115 -7.25 -3.95 -0.51
CA THR B 115 -8.20 -4.27 0.58
C THR B 115 -7.87 -5.64 1.14
N VAL B 116 -8.19 -5.83 2.41
CA VAL B 116 -7.99 -7.11 3.11
C VAL B 116 -8.81 -8.17 2.39
N ALA B 117 -8.22 -9.35 2.18
CA ALA B 117 -8.89 -10.49 1.51
C ALA B 117 -8.59 -11.74 2.34
N ALA B 118 -9.63 -12.35 2.89
CA ALA B 118 -9.51 -13.61 3.66
C ALA B 118 -9.02 -14.71 2.72
N PRO B 119 -8.17 -15.64 3.19
CA PRO B 119 -7.83 -16.82 2.41
C PRO B 119 -9.04 -17.77 2.27
N SER B 120 -9.15 -18.41 1.12
CA SER B 120 -9.92 -19.67 0.95
C SER B 120 -8.99 -20.79 1.38
N VAL B 121 -9.45 -21.68 2.26
CA VAL B 121 -8.56 -22.69 2.88
C VAL B 121 -9.01 -24.08 2.41
N PHE B 122 -8.04 -24.89 1.98
CA PHE B 122 -8.28 -26.26 1.47
C PHE B 122 -7.27 -27.16 2.13
N ILE B 123 -7.70 -28.38 2.44
CA ILE B 123 -6.78 -29.40 3.00
C ILE B 123 -6.84 -30.62 2.07
N PHE B 124 -5.69 -31.24 1.89
CA PHE B 124 -5.52 -32.42 1.02
C PHE B 124 -4.85 -33.51 1.81
N PRO B 125 -5.50 -34.69 1.93
CA PRO B 125 -4.86 -35.83 2.55
C PRO B 125 -3.75 -36.34 1.63
N PRO B 126 -2.86 -37.20 2.15
CA PRO B 126 -1.88 -37.88 1.32
C PRO B 126 -2.58 -38.84 0.35
N SER B 127 -2.00 -38.96 -0.83
CA SER B 127 -2.46 -39.90 -1.88
C SER B 127 -2.17 -41.34 -1.44
N ASP B 128 -3.02 -42.28 -1.84
CA ASP B 128 -2.74 -43.72 -1.69
C ASP B 128 -1.39 -44.05 -2.32
N GLU B 129 -1.08 -43.49 -3.49
CA GLU B 129 0.20 -43.77 -4.18
C GLU B 129 1.38 -43.39 -3.29
N GLN B 130 1.36 -42.22 -2.64
CA GLN B 130 2.48 -41.82 -1.76
C GLN B 130 2.55 -42.75 -0.56
N LEU B 131 1.43 -43.10 0.04
CA LEU B 131 1.41 -43.91 1.29
C LEU B 131 2.14 -45.24 1.04
N LYS B 132 1.97 -45.82 -0.15
CA LYS B 132 2.71 -47.04 -0.59
C LYS B 132 4.23 -46.84 -0.41
N SER B 133 4.75 -45.61 -0.56
CA SER B 133 6.20 -45.25 -0.55
C SER B 133 6.72 -45.08 0.89
N GLY B 134 5.84 -45.10 1.89
CA GLY B 134 6.23 -45.03 3.31
C GLY B 134 6.23 -43.62 3.88
N THR B 135 5.75 -42.64 3.11
CA THR B 135 5.67 -41.22 3.58
C THR B 135 4.27 -40.69 3.35
N ALA B 136 3.83 -39.79 4.23
CA ALA B 136 2.56 -39.06 4.11
C ALA B 136 2.85 -37.57 4.09
N SER B 137 2.46 -36.91 3.01
CA SER B 137 2.46 -35.44 2.93
C SER B 137 1.01 -34.97 3.01
N VAL B 138 0.72 -34.10 3.96
CA VAL B 138 -0.61 -33.47 4.10
C VAL B 138 -0.43 -32.00 3.73
N VAL B 139 -1.29 -31.52 2.83
CA VAL B 139 -1.10 -30.13 2.32
C VAL B 139 -2.28 -29.28 2.74
N CYS B 140 -1.98 -28.08 3.22
CA CYS B 140 -2.99 -27.05 3.49
C CYS B 140 -2.70 -25.86 2.56
N LEU B 141 -3.69 -25.44 1.81
CA LEU B 141 -3.61 -24.32 0.86
C LEU B 141 -4.41 -23.14 1.41
N LEU B 142 -3.78 -21.97 1.45
CA LEU B 142 -4.41 -20.67 1.74
C LEU B 142 -4.39 -19.91 0.41
N ASN B 143 -5.54 -19.71 -0.19
CA ASN B 143 -5.60 -19.16 -1.56
C ASN B 143 -6.08 -17.71 -1.57
N ASN B 144 -5.30 -16.86 -2.24
CA ASN B 144 -5.68 -15.50 -2.68
C ASN B 144 -6.06 -14.63 -1.46
N PHE B 145 -5.09 -14.33 -0.59
CA PHE B 145 -5.31 -13.52 0.61
C PHE B 145 -4.40 -12.29 0.61
N TYR B 146 -4.79 -11.30 1.40
CA TYR B 146 -4.04 -10.05 1.61
C TYR B 146 -4.45 -9.52 2.98
N PRO B 147 -3.54 -9.05 3.84
CA PRO B 147 -2.10 -9.01 3.56
C PRO B 147 -1.38 -10.35 3.77
N ARG B 148 -0.06 -10.32 3.66
CA ARG B 148 0.83 -11.49 3.65
C ARG B 148 0.76 -12.25 4.97
N GLU B 149 0.63 -11.55 6.11
CA GLU B 149 0.79 -12.21 7.43
C GLU B 149 -0.33 -13.25 7.57
N ALA B 150 0.03 -14.49 7.86
CA ALA B 150 -0.93 -15.58 8.09
C ALA B 150 -0.27 -16.56 9.05
N LYS B 151 -1.04 -17.12 9.98
CA LYS B 151 -0.53 -18.19 10.86
C LYS B 151 -1.23 -19.48 10.44
N VAL B 152 -0.46 -20.53 10.22
CA VAL B 152 -0.98 -21.88 9.93
C VAL B 152 -0.47 -22.82 11.01
N GLN B 153 -1.38 -23.47 11.74
CA GLN B 153 -1.03 -24.48 12.76
C GLN B 153 -1.63 -25.82 12.37
N TRP B 154 -0.83 -26.87 12.47
CA TRP B 154 -1.26 -28.26 12.22
C TRP B 154 -1.62 -28.91 13.55
N LYS B 155 -2.75 -29.60 13.60
CA LYS B 155 -3.13 -30.45 14.76
C LYS B 155 -3.45 -31.86 14.29
N VAL B 156 -2.93 -32.84 14.99
CA VAL B 156 -3.13 -34.28 14.70
C VAL B 156 -3.75 -34.90 15.95
N ASP B 157 -5.00 -35.33 15.87
CA ASP B 157 -5.77 -35.75 17.09
C ASP B 157 -5.58 -34.67 18.17
N ASN B 158 -5.65 -33.40 17.77
CA ASN B 158 -5.66 -32.18 18.61
C ASN B 158 -4.31 -31.87 19.25
N ALA B 159 -3.25 -32.63 18.97
CA ALA B 159 -1.87 -32.29 19.38
C ALA B 159 -1.27 -31.30 18.37
N LEU B 160 -0.91 -30.11 18.83
CA LEU B 160 -0.27 -29.07 18.00
C LEU B 160 1.08 -29.60 17.52
N GLN B 161 1.32 -29.56 16.21
CA GLN B 161 2.57 -30.02 15.57
C GLN B 161 3.56 -28.88 15.50
N SER B 162 4.85 -29.18 15.66
CA SER B 162 5.98 -28.25 15.39
C SER B 162 7.14 -29.07 14.83
N GLY B 163 7.89 -28.46 13.90
CA GLY B 163 9.15 -28.97 13.33
C GLY B 163 8.98 -29.91 12.15
N ASN B 164 7.74 -30.31 11.82
CA ASN B 164 7.48 -31.31 10.77
C ASN B 164 6.61 -30.72 9.64
N SER B 165 6.66 -29.40 9.46
CA SER B 165 5.97 -28.71 8.34
C SER B 165 6.86 -27.65 7.70
N GLN B 166 6.58 -27.35 6.44
CA GLN B 166 7.27 -26.26 5.70
C GLN B 166 6.21 -25.49 4.93
N GLU B 167 6.42 -24.19 4.83
CA GLU B 167 5.50 -23.28 4.11
C GLU B 167 6.23 -22.76 2.88
N SER B 168 5.47 -22.46 1.85
CA SER B 168 5.95 -21.71 0.66
C SER B 168 4.88 -20.67 0.32
N VAL B 169 5.28 -19.48 -0.13
CA VAL B 169 4.33 -18.39 -0.46
C VAL B 169 4.65 -17.89 -1.86
N THR B 170 3.61 -17.63 -2.64
CA THR B 170 3.77 -17.04 -3.97
C THR B 170 4.09 -15.56 -3.82
N GLU B 171 4.64 -14.99 -4.86
CA GLU B 171 4.74 -13.52 -5.00
C GLU B 171 3.34 -12.98 -5.24
N GLN B 172 3.18 -11.72 -4.91
CA GLN B 172 1.91 -11.03 -5.07
C GLN B 172 1.44 -11.13 -6.53
N ASP B 173 0.17 -11.51 -6.74
CA ASP B 173 -0.44 -11.67 -8.08
C ASP B 173 -0.48 -10.33 -8.82
N SER B 174 -0.12 -10.36 -10.09
CA SER B 174 -0.02 -9.14 -10.94
CA SER B 174 -0.02 -9.17 -10.99
C SER B 174 -1.40 -8.56 -11.25
N LYS B 175 -2.49 -9.31 -11.05
CA LYS B 175 -3.86 -8.85 -11.34
C LYS B 175 -4.61 -8.48 -10.06
N ASP B 176 -4.67 -9.36 -9.07
CA ASP B 176 -5.55 -9.21 -7.88
C ASP B 176 -4.75 -8.85 -6.61
N SER B 177 -3.42 -8.78 -6.71
CA SER B 177 -2.52 -8.28 -5.64
C SER B 177 -2.62 -9.16 -4.40
N THR B 178 -2.99 -10.43 -4.56
CA THR B 178 -3.06 -11.39 -3.44
C THR B 178 -1.85 -12.32 -3.40
N TYR B 179 -1.70 -12.98 -2.26
CA TYR B 179 -0.72 -14.06 -2.01
C TYR B 179 -1.48 -15.39 -1.91
N SER B 180 -0.78 -16.48 -2.19
CA SER B 180 -1.23 -17.83 -1.79
C SER B 180 -0.12 -18.52 -1.02
N LEU B 181 -0.47 -19.45 -0.16
CA LEU B 181 0.51 -20.12 0.69
C LEU B 181 0.17 -21.60 0.81
N SER B 182 1.20 -22.43 0.77
CA SER B 182 1.07 -23.89 1.00
C SER B 182 1.80 -24.21 2.29
N SER B 183 1.21 -25.03 3.15
CA SER B 183 1.87 -25.63 4.31
C SER B 183 1.78 -27.15 4.14
N THR B 184 2.91 -27.82 4.21
CA THR B 184 3.03 -29.26 3.97
C THR B 184 3.52 -29.89 5.27
N LEU B 185 2.71 -30.78 5.81
CA LEU B 185 3.02 -31.58 7.01
C LEU B 185 3.52 -32.93 6.49
N THR B 186 4.72 -33.34 6.89
CA THR B 186 5.34 -34.58 6.40
C THR B 186 5.52 -35.54 7.59
N LEU B 187 4.91 -36.72 7.48
CA LEU B 187 4.94 -37.78 8.52
C LEU B 187 5.40 -39.05 7.86
N SER B 188 6.01 -39.98 8.60
CA SER B 188 6.17 -41.39 8.15
C SER B 188 4.78 -41.98 7.97
N LYS B 189 4.65 -42.98 7.09
CA LYS B 189 3.38 -43.72 6.95
C LYS B 189 2.94 -44.25 8.34
N ALA B 190 3.86 -44.85 9.08
CA ALA B 190 3.62 -45.44 10.42
C ALA B 190 2.98 -44.39 11.34
N ASP B 191 3.58 -43.19 11.44
CA ASP B 191 3.01 -42.11 12.30
C ASP B 191 1.63 -41.69 11.76
N TYR B 192 1.49 -41.51 10.45
CA TYR B 192 0.20 -41.07 9.86
C TYR B 192 -0.91 -42.05 10.25
N GLU B 193 -0.62 -43.34 10.19
CA GLU B 193 -1.64 -44.40 10.39
C GLU B 193 -1.98 -44.58 11.88
N LYS B 194 -1.23 -43.97 12.79
CA LYS B 194 -1.49 -44.01 14.25
C LYS B 194 -2.50 -42.94 14.69
N HIS B 195 -2.88 -42.00 13.83
CA HIS B 195 -3.79 -40.89 14.22
C HIS B 195 -4.97 -40.81 13.27
N LYS B 196 -6.06 -40.20 13.71
CA LYS B 196 -7.30 -40.12 12.90
C LYS B 196 -7.52 -38.71 12.34
N VAL B 197 -7.45 -37.67 13.17
CA VAL B 197 -7.94 -36.33 12.77
C VAL B 197 -6.76 -35.44 12.38
N TYR B 198 -6.76 -34.99 11.12
CA TYR B 198 -5.74 -34.09 10.54
C TYR B 198 -6.38 -32.74 10.26
N ALA B 199 -5.84 -31.70 10.89
CA ALA B 199 -6.47 -30.36 10.90
C ALA B 199 -5.42 -29.28 10.66
N CYS B 200 -5.80 -28.36 9.78
CA CYS B 200 -5.05 -27.13 9.41
C CYS B 200 -5.86 -25.97 9.97
N GLU B 201 -5.30 -25.20 10.90
CA GLU B 201 -5.99 -24.04 11.50
C GLU B 201 -5.31 -22.75 11.02
N VAL B 202 -6.09 -21.87 10.41
CA VAL B 202 -5.58 -20.64 9.76
C VAL B 202 -6.06 -19.40 10.53
N THR B 203 -5.13 -18.55 10.88
CA THR B 203 -5.39 -17.20 11.43
C THR B 203 -4.97 -16.15 10.40
N HIS B 204 -5.89 -15.26 10.06
CA HIS B 204 -5.65 -14.15 9.11
C HIS B 204 -6.58 -12.99 9.46
N GLN B 205 -6.07 -11.78 9.28
CA GLN B 205 -6.81 -10.52 9.52
C GLN B 205 -8.18 -10.55 8.85
N GLY B 206 -8.32 -11.17 7.69
CA GLY B 206 -9.57 -11.18 6.92
C GLY B 206 -10.64 -12.12 7.49
N LEU B 207 -10.28 -13.01 8.42
CA LEU B 207 -11.20 -13.97 9.07
C LEU B 207 -11.65 -13.40 10.42
N SER B 208 -12.96 -13.43 10.71
CA SER B 208 -13.51 -13.01 12.02
C SER B 208 -12.94 -13.86 13.16
N SER B 209 -12.58 -15.13 12.92
CA SER B 209 -11.81 -15.98 13.86
C SER B 209 -11.11 -17.09 13.10
N PRO B 210 -10.14 -17.83 13.69
CA PRO B 210 -9.41 -18.84 12.93
C PRO B 210 -10.33 -19.88 12.26
N VAL B 211 -9.96 -20.28 11.05
CA VAL B 211 -10.70 -21.29 10.25
C VAL B 211 -9.91 -22.61 10.36
N THR B 212 -10.61 -23.70 10.64
CA THR B 212 -10.02 -25.06 10.64
C THR B 212 -10.60 -25.85 9.47
N LYS B 213 -9.72 -26.46 8.68
CA LYS B 213 -10.11 -27.48 7.69
C LYS B 213 -9.50 -28.78 8.16
N SER B 214 -10.26 -29.87 8.10
CA SER B 214 -9.83 -31.15 8.67
C SER B 214 -10.42 -32.30 7.88
N PHE B 215 -9.81 -33.46 8.02
CA PHE B 215 -10.32 -34.75 7.50
C PHE B 215 -9.99 -35.80 8.54
N ASN B 216 -10.70 -36.91 8.47
CA ASN B 216 -10.41 -38.14 9.24
C ASN B 216 -9.75 -39.12 8.29
N ARG B 217 -8.58 -39.63 8.65
CA ARG B 217 -7.81 -40.59 7.82
C ARG B 217 -8.73 -41.76 7.47
N GLY B 218 -8.85 -42.07 6.17
CA GLY B 218 -9.60 -43.23 5.65
C GLY B 218 -11.06 -42.91 5.39
N GLU B 219 -11.37 -41.67 5.00
CA GLU B 219 -12.75 -41.19 4.69
C GLU B 219 -12.67 -40.11 3.60
N GLU C 1 -10.87 -7.96 10.57
CA GLU C 1 -11.31 -8.92 11.62
C GLU C 1 -11.68 -8.12 12.89
N VAL C 2 -10.71 -7.59 13.64
CA VAL C 2 -11.01 -6.80 14.87
C VAL C 2 -11.74 -5.52 14.44
N GLN C 3 -12.96 -5.33 14.95
CA GLN C 3 -13.81 -4.18 14.56
C GLN C 3 -14.41 -3.55 15.82
N LEU C 4 -14.18 -2.26 16.01
CA LEU C 4 -14.82 -1.44 17.07
C LEU C 4 -15.72 -0.42 16.39
N VAL C 5 -16.98 -0.33 16.79
CA VAL C 5 -18.00 0.58 16.19
C VAL C 5 -18.60 1.42 17.32
N GLU C 6 -18.35 2.73 17.29
CA GLU C 6 -18.90 3.68 18.29
C GLU C 6 -20.31 4.06 17.84
N SER C 7 -21.22 4.28 18.78
CA SER C 7 -22.56 4.85 18.53
C SER C 7 -22.98 5.65 19.76
N GLY C 8 -24.06 6.41 19.64
CA GLY C 8 -24.71 7.12 20.76
C GLY C 8 -24.33 8.58 20.82
N GLY C 9 -23.43 9.04 19.95
CA GLY C 9 -23.07 10.47 19.87
C GLY C 9 -24.25 11.31 19.44
N GLY C 10 -24.07 12.60 19.36
CA GLY C 10 -25.06 13.50 18.76
C GLY C 10 -25.06 14.81 19.49
N LEU C 11 -26.06 15.61 19.22
CA LEU C 11 -26.24 16.97 19.77
C LEU C 11 -26.97 16.81 21.09
N VAL C 12 -26.45 17.45 22.13
CA VAL C 12 -27.02 17.36 23.50
C VAL C 12 -26.90 18.73 24.15
N GLN C 13 -27.89 19.10 24.95
CA GLN C 13 -27.92 20.36 25.70
C GLN C 13 -26.75 20.41 26.68
N PRO C 14 -26.17 21.60 26.92
CA PRO C 14 -25.25 21.80 28.03
C PRO C 14 -25.91 21.33 29.32
N GLY C 15 -25.13 20.66 30.17
CA GLY C 15 -25.62 20.03 31.41
C GLY C 15 -26.32 18.70 31.19
N GLY C 16 -26.55 18.28 29.96
CA GLY C 16 -27.22 17.01 29.63
C GLY C 16 -26.27 15.81 29.77
N SER C 17 -26.81 14.63 29.45
CA SER C 17 -26.15 13.31 29.58
C SER C 17 -26.25 12.59 28.24
N LEU C 18 -25.31 11.70 27.96
CA LEU C 18 -25.30 10.85 26.76
C LEU C 18 -24.64 9.55 27.19
N ARG C 19 -25.05 8.43 26.62
CA ARG C 19 -24.25 7.17 26.79
C ARG C 19 -23.67 6.74 25.45
N LEU C 20 -22.35 6.71 25.33
CA LEU C 20 -21.69 6.15 24.12
C LEU C 20 -21.56 4.64 24.28
N SER C 21 -21.66 3.94 23.16
CA SER C 21 -21.45 2.48 23.03
C SER C 21 -20.31 2.24 22.06
N CYS C 22 -19.51 1.21 22.36
CA CYS C 22 -18.42 0.75 21.49
C CYS C 22 -18.58 -0.76 21.36
N SER C 23 -19.09 -1.17 20.22
CA SER C 23 -19.40 -2.58 19.93
C SER C 23 -18.17 -3.26 19.32
N ALA C 24 -17.68 -4.30 19.99
CA ALA C 24 -16.46 -5.05 19.62
C ALA C 24 -16.83 -6.38 18.97
N SER C 25 -16.11 -6.75 17.91
CA SER C 25 -16.18 -8.12 17.33
C SER C 25 -14.79 -8.59 16.91
N GLY C 26 -14.63 -9.89 16.73
CA GLY C 26 -13.45 -10.48 16.07
C GLY C 26 -12.32 -10.72 17.03
N PHE C 27 -12.57 -10.76 18.34
CA PHE C 27 -11.56 -11.07 19.36
C PHE C 27 -12.22 -11.35 20.72
N SER C 28 -11.42 -11.89 21.64
CA SER C 28 -11.82 -12.22 23.02
C SER C 28 -11.79 -10.93 23.87
N PHE C 29 -12.94 -10.24 23.89
CA PHE C 29 -13.13 -8.90 24.50
C PHE C 29 -12.54 -8.83 25.90
N ASN C 30 -12.74 -9.86 26.73
CA ASN C 30 -12.39 -9.81 28.18
C ASN C 30 -10.90 -10.02 28.40
N SER C 31 -10.10 -10.20 27.34
CA SER C 31 -8.63 -10.34 27.47
C SER C 31 -7.91 -9.00 27.25
N PHE C 32 -8.63 -7.90 27.00
CA PHE C 32 -7.99 -6.63 26.57
C PHE C 32 -8.57 -5.42 27.29
N TRP C 33 -7.67 -4.54 27.70
CA TRP C 33 -7.99 -3.19 28.18
C TRP C 33 -8.77 -2.50 27.04
N MET C 34 -9.59 -1.51 27.40
CA MET C 34 -10.32 -0.70 26.39
C MET C 34 -10.20 0.75 26.81
N HIS C 35 -10.13 1.65 25.82
CA HIS C 35 -9.84 3.07 26.04
C HIS C 35 -10.90 3.90 25.32
N TRP C 36 -11.15 5.07 25.87
CA TRP C 36 -11.82 6.18 25.18
C TRP C 36 -10.78 7.30 25.01
N VAL C 37 -10.75 7.84 23.81
CA VAL C 37 -9.91 9.00 23.44
C VAL C 37 -10.82 9.98 22.70
N ARG C 38 -10.65 11.27 22.93
CA ARG C 38 -11.48 12.23 22.16
C ARG C 38 -10.59 13.22 21.41
N GLN C 39 -11.21 13.87 20.42
CA GLN C 39 -10.51 14.84 19.56
C GLN C 39 -11.47 15.95 19.18
N VAL C 40 -11.21 17.13 19.73
CA VAL C 40 -11.92 18.36 19.29
C VAL C 40 -11.55 18.56 17.84
N PRO C 41 -12.50 18.85 16.93
CA PRO C 41 -12.18 18.94 15.50
C PRO C 41 -11.01 19.92 15.25
N GLY C 42 -10.04 19.46 14.45
CA GLY C 42 -8.78 20.17 14.14
C GLY C 42 -7.76 20.20 15.25
N LYS C 43 -7.97 19.51 16.38
CA LYS C 43 -7.06 19.58 17.56
C LYS C 43 -6.50 18.18 17.82
N GLY C 44 -5.80 18.01 18.94
CA GLY C 44 -5.02 16.79 19.22
C GLY C 44 -5.85 15.69 19.84
N LEU C 45 -5.29 14.49 19.89
CA LEU C 45 -5.88 13.37 20.64
C LEU C 45 -5.74 13.65 22.14
N VAL C 46 -6.80 13.42 22.88
CA VAL C 46 -6.83 13.57 24.35
C VAL C 46 -7.37 12.29 24.95
N TRP C 47 -6.50 11.58 25.69
CA TRP C 47 -6.93 10.34 26.37
C TRP C 47 -7.97 10.72 27.43
N ILE C 48 -9.07 9.97 27.51
CA ILE C 48 -10.23 10.26 28.39
C ILE C 48 -10.36 9.21 29.49
N SER C 49 -10.29 7.93 29.17
CA SER C 49 -10.63 6.88 30.15
C SER C 49 -10.11 5.53 29.70
N PHE C 50 -9.86 4.65 30.63
CA PHE C 50 -9.69 3.22 30.30
C PHE C 50 -10.30 2.36 31.40
N THR C 51 -10.45 1.11 31.01
CA THR C 51 -10.86 0.01 31.90
C THR C 51 -9.92 -1.15 31.67
N ASN C 52 -9.54 -1.81 32.76
CA ASN C 52 -8.78 -3.07 32.69
C ASN C 52 -9.74 -4.15 32.17
N ASN C 53 -9.28 -5.40 32.14
CA ASN C 53 -9.99 -6.50 31.44
C ASN C 53 -11.36 -6.76 32.10
N GLU C 54 -11.41 -6.65 33.43
CA GLU C 54 -12.57 -7.02 34.28
C GLU C 54 -13.51 -5.81 34.47
N GLY C 55 -12.98 -4.61 34.40
CA GLY C 55 -13.68 -3.37 34.79
C GLY C 55 -13.50 -3.05 36.27
N THR C 56 -12.49 -3.66 36.93
CA THR C 56 -12.21 -3.44 38.36
C THR C 56 -11.25 -2.28 38.54
N THR C 57 -10.55 -1.86 37.48
CA THR C 57 -9.60 -0.74 37.57
C THR C 57 -9.95 0.19 36.41
N THR C 58 -10.22 1.45 36.73
CA THR C 58 -10.59 2.45 35.71
C THR C 58 -9.81 3.69 36.05
N ALA C 59 -9.64 4.59 35.10
CA ALA C 59 -9.07 5.91 35.34
C ALA C 59 -9.64 6.87 34.30
N TYR C 60 -9.49 8.15 34.57
CA TYR C 60 -10.12 9.23 33.79
C TYR C 60 -9.15 10.38 33.68
N ALA C 61 -9.24 11.16 32.60
CA ALA C 61 -8.60 12.47 32.53
C ALA C 61 -9.20 13.37 33.62
N ASP C 62 -8.40 14.28 34.17
CA ASP C 62 -8.83 15.27 35.20
C ASP C 62 -10.09 15.99 34.72
N SER C 63 -10.19 16.32 33.43
CA SER C 63 -11.26 17.18 32.87
C SER C 63 -12.62 16.49 32.94
N VAL C 64 -12.69 15.16 33.08
CA VAL C 64 -13.97 14.42 33.02
C VAL C 64 -14.22 13.63 34.31
N ARG C 65 -13.24 13.56 35.20
CA ARG C 65 -13.37 12.70 36.41
C ARG C 65 -14.56 13.23 37.21
N GLY C 66 -15.45 12.34 37.60
CA GLY C 66 -16.64 12.65 38.42
C GLY C 66 -17.85 12.94 37.56
N ARG C 67 -17.67 13.14 36.24
CA ARG C 67 -18.79 13.38 35.30
C ARG C 67 -18.98 12.16 34.39
N PHE C 68 -17.89 11.48 34.03
CA PHE C 68 -17.95 10.35 33.08
C PHE C 68 -17.74 9.04 33.85
N ILE C 69 -18.41 8.00 33.40
CA ILE C 69 -18.23 6.64 33.96
C ILE C 69 -18.02 5.66 32.81
N ILE C 70 -16.85 5.01 32.78
CA ILE C 70 -16.58 3.93 31.79
C ILE C 70 -17.12 2.64 32.38
N SER C 71 -17.63 1.76 31.55
CA SER C 71 -18.04 0.40 31.98
C SER C 71 -17.94 -0.53 30.78
N ARG C 72 -17.95 -1.82 31.02
CA ARG C 72 -17.94 -2.82 29.93
C ARG C 72 -18.89 -3.94 30.32
N ASP C 73 -19.58 -4.45 29.34
CA ASP C 73 -20.37 -5.68 29.45
C ASP C 73 -19.61 -6.78 28.71
N ASN C 74 -18.77 -7.54 29.41
CA ASN C 74 -17.92 -8.60 28.78
C ASN C 74 -18.82 -9.59 28.04
N ALA C 75 -19.99 -9.89 28.60
CA ALA C 75 -20.98 -10.82 28.01
C ALA C 75 -21.51 -10.29 26.67
N LYS C 76 -21.59 -8.97 26.48
CA LYS C 76 -22.21 -8.37 25.27
C LYS C 76 -21.12 -7.75 24.37
N ASN C 77 -19.84 -7.88 24.74
CA ASN C 77 -18.70 -7.37 23.92
C ASN C 77 -18.90 -5.88 23.68
N THR C 78 -19.29 -5.14 24.72
CA THR C 78 -19.62 -3.70 24.58
C THR C 78 -18.90 -2.90 25.65
N LEU C 79 -18.28 -1.81 25.23
CA LEU C 79 -17.72 -0.79 26.10
C LEU C 79 -18.68 0.40 26.10
N TYR C 80 -18.83 1.03 27.25
CA TYR C 80 -19.70 2.22 27.41
C TYR C 80 -18.93 3.38 28.00
N LEU C 81 -19.40 4.57 27.66
CA LEU C 81 -19.02 5.81 28.36
C LEU C 81 -20.32 6.56 28.67
N GLU C 82 -20.67 6.62 29.94
CA GLU C 82 -21.77 7.48 30.45
C GLU C 82 -21.17 8.85 30.68
N MET C 83 -21.74 9.87 30.04
CA MET C 83 -21.23 11.25 30.11
C MET C 83 -22.32 12.12 30.70
N ASN C 84 -22.04 12.75 31.83
CA ASN C 84 -22.98 13.62 32.59
C ASN C 84 -22.48 15.05 32.66
N ASN C 85 -23.41 15.98 32.89
CA ASN C 85 -23.10 17.42 33.07
C ASN C 85 -22.17 17.89 31.95
N LEU C 86 -22.59 17.65 30.72
CA LEU C 86 -21.75 17.95 29.54
C LEU C 86 -21.58 19.47 29.39
N ARG C 87 -20.40 19.89 28.97
CA ARG C 87 -20.06 21.30 28.70
C ARG C 87 -19.57 21.42 27.25
N GLY C 88 -19.49 22.65 26.72
CA GLY C 88 -18.93 22.93 25.39
C GLY C 88 -17.53 22.33 25.21
N GLU C 89 -16.71 22.29 26.27
CA GLU C 89 -15.34 21.71 26.25
C GLU C 89 -15.40 20.22 25.91
N ASP C 90 -16.55 19.56 26.05
CA ASP C 90 -16.67 18.10 25.80
C ASP C 90 -17.00 17.84 24.33
N THR C 91 -17.36 18.86 23.55
CA THR C 91 -17.64 18.70 22.09
C THR C 91 -16.39 18.12 21.43
N ALA C 92 -16.52 16.98 20.77
CA ALA C 92 -15.38 16.23 20.21
C ALA C 92 -15.88 15.00 19.49
N VAL C 93 -15.00 14.44 18.67
CA VAL C 93 -15.13 13.04 18.22
C VAL C 93 -14.57 12.13 19.31
N TYR C 94 -15.38 11.15 19.71
CA TYR C 94 -15.02 10.15 20.74
C TYR C 94 -14.70 8.84 20.03
N TYR C 95 -13.50 8.36 20.27
CA TYR C 95 -12.97 7.08 19.75
C TYR C 95 -12.87 6.08 20.89
N CYS C 96 -13.21 4.84 20.58
CA CYS C 96 -12.76 3.71 21.41
C CYS C 96 -11.61 3.00 20.71
N ALA C 97 -10.74 2.41 21.51
CA ALA C 97 -9.53 1.73 21.02
C ALA C 97 -9.28 0.53 21.95
N ARG C 98 -8.73 -0.54 21.37
CA ARG C 98 -8.33 -1.73 22.14
C ARG C 98 -6.91 -1.56 22.68
N GLY C 99 -6.67 -1.92 23.93
CA GLY C 99 -5.31 -2.02 24.48
C GLY C 99 -4.61 -3.26 23.95
N ASP C 100 -3.50 -3.12 23.20
CA ASP C 100 -2.52 -4.26 23.08
C ASP C 100 -1.14 -3.84 23.63
N GLY C 101 -0.08 -3.85 22.82
CA GLY C 101 1.13 -3.06 23.13
C GLY C 101 0.81 -1.58 23.15
N GLY C 102 -0.05 -1.13 22.25
CA GLY C 102 -0.52 0.27 22.20
C GLY C 102 -2.01 0.28 21.92
N LEU C 103 -2.61 1.47 21.75
CA LEU C 103 -4.04 1.56 21.44
C LEU C 103 -4.25 1.23 19.96
N ASP C 104 -5.09 0.26 19.70
CA ASP C 104 -5.17 -0.41 18.40
C ASP C 104 -6.64 -0.52 17.98
N ASP C 105 -6.88 -0.80 16.70
CA ASP C 105 -8.22 -1.12 16.12
C ASP C 105 -9.20 0.01 16.40
N TRP C 106 -8.73 1.25 16.33
CA TRP C 106 -9.56 2.43 16.63
C TRP C 106 -10.86 2.37 15.82
N GLY C 107 -12.00 2.75 16.43
CA GLY C 107 -13.25 2.95 15.67
C GLY C 107 -13.22 4.21 14.82
N GLN C 108 -14.26 4.43 14.04
CA GLN C 108 -14.45 5.61 13.15
C GLN C 108 -14.73 6.85 14.00
N GLY C 109 -15.12 6.66 15.25
CA GLY C 109 -15.41 7.76 16.18
C GLY C 109 -16.86 8.23 16.06
N THR C 110 -17.37 8.84 17.12
CA THR C 110 -18.77 9.36 17.17
C THR C 110 -18.68 10.81 17.64
N LEU C 111 -19.33 11.72 16.91
CA LEU C 111 -19.27 13.16 17.24
C LEU C 111 -20.30 13.48 18.33
N VAL C 112 -19.84 14.12 19.39
CA VAL C 112 -20.69 14.67 20.45
C VAL C 112 -20.60 16.18 20.34
N THR C 113 -21.75 16.84 20.17
CA THR C 113 -21.84 18.31 20.08
C THR C 113 -22.68 18.82 21.25
N VAL C 114 -22.06 19.57 22.15
CA VAL C 114 -22.74 20.08 23.37
C VAL C 114 -23.09 21.54 23.08
N SER C 115 -24.39 21.79 22.89
CA SER C 115 -24.87 23.10 22.40
C SER C 115 -26.36 23.22 22.67
N SER C 116 -26.80 24.46 22.86
CA SER C 116 -28.24 24.79 22.97
C SER C 116 -28.82 25.15 21.60
N ALA C 117 -27.99 25.17 20.54
CA ALA C 117 -28.43 25.54 19.17
C ALA C 117 -29.28 24.41 18.59
N SER C 118 -30.25 24.80 17.76
CA SER C 118 -31.19 23.87 17.11
C SER C 118 -30.53 23.14 15.95
N THR C 119 -30.95 21.91 15.74
CA THR C 119 -30.68 21.17 14.51
C THR C 119 -31.28 21.93 13.34
N LYS C 120 -30.54 22.07 12.24
CA LYS C 120 -31.03 22.73 11.01
C LYS C 120 -30.40 22.04 9.80
N GLY C 121 -31.23 21.64 8.82
CA GLY C 121 -30.71 21.01 7.60
C GLY C 121 -30.21 22.03 6.60
N PRO C 122 -29.28 21.62 5.74
CA PRO C 122 -28.70 22.52 4.75
C PRO C 122 -29.63 22.80 3.56
N SER C 123 -29.37 23.92 2.89
CA SER C 123 -29.78 24.17 1.49
C SER C 123 -28.62 23.76 0.59
N VAL C 124 -28.92 23.18 -0.56
CA VAL C 124 -27.85 22.75 -1.49
C VAL C 124 -28.00 23.54 -2.78
N PHE C 125 -26.97 24.28 -3.15
CA PHE C 125 -26.97 25.17 -4.34
C PHE C 125 -25.93 24.69 -5.32
N PRO C 126 -26.17 24.86 -6.63
CA PRO C 126 -25.17 24.48 -7.60
C PRO C 126 -24.02 25.50 -7.69
N LEU C 127 -22.84 24.96 -7.93
CA LEU C 127 -21.66 25.69 -8.40
C LEU C 127 -21.50 25.28 -9.88
N ALA C 128 -22.14 26.05 -10.75
CA ALA C 128 -22.38 25.64 -12.14
C ALA C 128 -21.10 25.84 -12.97
N PRO C 129 -20.72 24.88 -13.83
CA PRO C 129 -19.56 25.03 -14.70
C PRO C 129 -19.76 26.19 -15.68
N SER C 130 -18.68 26.94 -15.90
CA SER C 130 -18.60 28.14 -16.75
C SER C 130 -18.86 27.80 -18.23
N SER C 131 -19.05 28.84 -19.06
CA SER C 131 -19.06 28.82 -20.56
C SER C 131 -17.81 28.12 -21.13
N LYS C 132 -16.59 28.47 -20.68
CA LYS C 132 -15.38 27.60 -20.77
C LYS C 132 -14.45 27.94 -19.61
N GLY C 136 -10.56 25.91 -21.05
CA GLY C 136 -9.92 25.17 -22.15
C GLY C 136 -9.42 23.79 -21.74
N GLY C 137 -10.32 22.79 -21.72
CA GLY C 137 -9.95 21.38 -21.50
C GLY C 137 -10.54 20.84 -20.19
N THR C 138 -10.32 21.52 -19.07
CA THR C 138 -10.87 21.07 -17.74
C THR C 138 -11.88 22.06 -17.21
N ALA C 139 -13.02 21.54 -16.74
CA ALA C 139 -14.10 22.36 -16.15
C ALA C 139 -14.17 22.02 -14.66
N ALA C 140 -14.64 22.97 -13.86
CA ALA C 140 -15.00 22.69 -12.44
C ALA C 140 -16.49 22.93 -12.21
N LEU C 141 -17.06 22.09 -11.36
CA LEU C 141 -18.43 22.25 -10.90
C LEU C 141 -18.53 21.76 -9.47
N GLY C 142 -19.65 22.04 -8.82
CA GLY C 142 -19.76 21.68 -7.41
C GLY C 142 -21.12 21.91 -6.84
N CYS C 143 -21.18 21.71 -5.55
CA CYS C 143 -22.35 21.95 -4.71
C CYS C 143 -21.90 22.72 -3.47
N LEU C 144 -22.66 23.75 -3.17
CA LEU C 144 -22.51 24.57 -1.94
C LEU C 144 -23.57 24.05 -0.97
N VAL C 145 -23.14 23.53 0.16
CA VAL C 145 -24.01 22.97 1.20
C VAL C 145 -24.06 23.96 2.37
N LYS C 146 -25.12 24.76 2.41
CA LYS C 146 -25.12 25.97 3.24
C LYS C 146 -26.09 25.87 4.41
N ASP C 147 -25.65 26.40 5.55
CA ASP C 147 -26.50 26.77 6.70
C ASP C 147 -27.06 25.53 7.37
N TYR C 148 -26.20 24.72 7.97
CA TYR C 148 -26.63 23.51 8.70
C TYR C 148 -25.99 23.48 10.08
N PHE C 149 -26.59 22.70 10.94
CA PHE C 149 -26.11 22.49 12.31
C PHE C 149 -26.73 21.24 12.87
N PRO C 150 -26.02 20.37 13.63
CA PRO C 150 -24.57 20.42 13.84
C PRO C 150 -23.83 19.74 12.67
N GLU C 151 -22.52 19.54 12.79
CA GLU C 151 -21.78 18.64 11.87
CA GLU C 151 -21.78 18.65 11.86
C GLU C 151 -22.25 17.22 12.15
N PRO C 152 -22.03 16.24 11.26
CA PRO C 152 -21.42 16.44 9.95
C PRO C 152 -22.40 16.36 8.79
N VAL C 153 -21.92 16.69 7.60
CA VAL C 153 -22.61 16.34 6.34
C VAL C 153 -21.70 15.40 5.55
N THR C 154 -22.30 14.57 4.71
CA THR C 154 -21.55 13.77 3.72
C THR C 154 -21.93 14.24 2.33
N VAL C 155 -20.95 14.24 1.45
CA VAL C 155 -21.16 14.53 0.02
C VAL C 155 -20.49 13.43 -0.78
N SER C 156 -21.25 12.83 -1.70
CA SER C 156 -20.70 11.97 -2.75
C SER C 156 -21.11 12.56 -4.10
N TRP C 157 -20.51 12.03 -5.14
CA TRP C 157 -20.83 12.42 -6.54
C TRP C 157 -21.29 11.17 -7.30
N ASN C 158 -22.39 11.29 -8.02
CA ASN C 158 -22.93 10.18 -8.86
C ASN C 158 -22.98 8.91 -8.02
N SER C 159 -23.52 9.03 -6.81
CA SER C 159 -23.72 7.91 -5.88
C SER C 159 -22.42 7.16 -5.61
N GLY C 160 -21.27 7.84 -5.66
CA GLY C 160 -19.97 7.23 -5.33
C GLY C 160 -19.21 6.76 -6.56
N ALA C 161 -19.83 6.79 -7.75
CA ALA C 161 -19.16 6.38 -9.01
C ALA C 161 -18.11 7.43 -9.42
N LEU C 162 -18.24 8.68 -8.99
CA LEU C 162 -17.29 9.75 -9.34
C LEU C 162 -16.47 10.13 -8.11
N THR C 163 -15.18 9.82 -8.10
CA THR C 163 -14.27 10.09 -6.95
C THR C 163 -13.05 10.86 -7.44
N SER C 164 -12.60 10.64 -8.67
CA SER C 164 -11.39 11.29 -9.21
C SER C 164 -11.66 12.79 -9.35
N GLY C 165 -10.78 13.61 -8.80
CA GLY C 165 -10.84 15.06 -9.00
C GLY C 165 -11.81 15.75 -8.04
N VAL C 166 -12.42 14.99 -7.13
CA VAL C 166 -13.35 15.54 -6.10
C VAL C 166 -12.55 16.17 -4.96
N HIS C 167 -12.92 17.39 -4.58
CA HIS C 167 -12.44 18.02 -3.31
C HIS C 167 -13.67 18.46 -2.52
N THR C 168 -13.90 17.84 -1.37
CA THR C 168 -14.91 18.27 -0.40
C THR C 168 -14.20 19.02 0.71
N PHE C 169 -14.47 20.30 0.82
CA PHE C 169 -13.75 21.20 1.74
C PHE C 169 -14.25 20.96 3.15
N PRO C 170 -13.35 21.15 4.13
CA PRO C 170 -13.74 21.25 5.53
C PRO C 170 -14.84 22.31 5.67
N ALA C 171 -15.82 21.99 6.51
CA ALA C 171 -16.88 22.92 6.91
C ALA C 171 -16.27 24.13 7.60
N VAL C 172 -16.87 25.27 7.36
CA VAL C 172 -16.53 26.56 8.01
CA VAL C 172 -16.53 26.56 8.02
C VAL C 172 -17.73 26.98 8.87
N LEU C 173 -17.47 27.39 10.09
CA LEU C 173 -18.54 27.95 10.94
C LEU C 173 -18.70 29.41 10.54
N GLN C 174 -19.89 29.80 10.13
CA GLN C 174 -20.24 31.19 9.74
C GLN C 174 -20.56 31.99 11.01
N SER C 175 -20.59 33.32 10.86
CA SER C 175 -20.91 34.22 12.00
C SER C 175 -22.32 33.93 12.53
N SER C 176 -23.21 33.39 11.70
CA SER C 176 -24.59 32.98 12.06
C SER C 176 -24.58 31.83 13.08
N GLY C 177 -23.46 31.11 13.21
CA GLY C 177 -23.36 29.90 14.04
C GLY C 177 -23.80 28.63 13.30
N LEU C 178 -24.04 28.74 12.00
CA LEU C 178 -24.34 27.59 11.13
C LEU C 178 -23.11 27.29 10.28
N TYR C 179 -22.95 26.03 9.92
CA TYR C 179 -21.85 25.56 9.06
C TYR C 179 -22.21 25.72 7.58
N SER C 180 -21.18 25.75 6.75
CA SER C 180 -21.25 25.76 5.28
C SER C 180 -20.06 24.99 4.74
N LEU C 181 -20.22 24.27 3.63
CA LEU C 181 -19.06 23.73 2.91
C LEU C 181 -19.40 23.61 1.45
N SER C 182 -18.37 23.56 0.60
CA SER C 182 -18.52 23.22 -0.81
C SER C 182 -17.82 21.91 -1.09
N SER C 183 -18.37 21.20 -2.07
CA SER C 183 -17.73 20.03 -2.69
C SER C 183 -17.62 20.34 -4.17
N VAL C 184 -16.42 20.17 -4.73
CA VAL C 184 -16.16 20.49 -6.16
C VAL C 184 -15.54 19.26 -6.83
N VAL C 185 -15.65 19.24 -8.14
CA VAL C 185 -14.98 18.21 -8.96
C VAL C 185 -14.54 18.87 -10.26
N THR C 186 -13.35 18.48 -10.72
CA THR C 186 -12.88 18.88 -12.06
C THR C 186 -13.14 17.71 -13.00
N VAL C 187 -13.62 18.03 -14.20
CA VAL C 187 -14.06 17.06 -15.23
C VAL C 187 -13.64 17.58 -16.59
N PRO C 188 -13.58 16.70 -17.62
CA PRO C 188 -13.29 17.18 -18.97
C PRO C 188 -14.39 18.15 -19.42
N SER C 189 -14.03 19.31 -19.97
CA SER C 189 -15.01 20.26 -20.56
C SER C 189 -15.90 19.52 -21.57
N SER C 190 -15.33 18.57 -22.29
CA SER C 190 -16.03 17.81 -23.37
C SER C 190 -17.16 16.96 -22.79
N SER C 191 -17.14 16.65 -21.49
CA SER C 191 -18.15 15.79 -20.83
C SER C 191 -19.39 16.61 -20.44
N LEU C 192 -19.35 17.95 -20.42
CA LEU C 192 -20.42 18.78 -19.80
C LEU C 192 -21.74 18.60 -20.54
N GLY C 193 -21.70 18.36 -21.85
CA GLY C 193 -22.93 18.23 -22.64
C GLY C 193 -23.71 16.98 -22.23
N THR C 194 -22.99 15.88 -21.97
CA THR C 194 -23.49 14.49 -22.07
C THR C 194 -23.39 13.72 -20.74
N GLN C 195 -22.39 13.98 -19.89
CA GLN C 195 -22.24 13.30 -18.58
C GLN C 195 -23.08 14.06 -17.53
N THR C 196 -23.91 13.34 -16.77
CA THR C 196 -24.69 13.90 -15.65
C THR C 196 -23.80 13.93 -14.40
N TYR C 197 -23.87 15.02 -13.65
CA TYR C 197 -23.13 15.19 -12.37
C TYR C 197 -24.16 15.55 -11.30
N ILE C 198 -24.28 14.66 -10.32
CA ILE C 198 -25.23 14.83 -9.19
C ILE C 198 -24.44 14.73 -7.91
N CYS C 199 -24.57 15.72 -7.05
CA CYS C 199 -23.98 15.61 -5.71
C CYS C 199 -25.05 15.03 -4.78
N ASN C 200 -24.67 14.06 -3.98
CA ASN C 200 -25.54 13.36 -3.01
C ASN C 200 -25.15 13.85 -1.62
N VAL C 201 -26.03 14.65 -1.02
CA VAL C 201 -25.76 15.32 0.27
C VAL C 201 -26.62 14.64 1.32
N ASN C 202 -26.02 14.29 2.47
CA ASN C 202 -26.80 13.71 3.58
C ASN C 202 -26.37 14.45 4.86
N HIS C 203 -27.34 15.08 5.51
CA HIS C 203 -27.16 15.67 6.85
C HIS C 203 -28.01 14.82 7.78
N LYS C 204 -27.44 13.74 8.28
CA LYS C 204 -28.20 12.77 9.11
C LYS C 204 -28.76 13.44 10.36
N PRO C 205 -28.06 14.39 11.03
CA PRO C 205 -28.62 14.99 12.23
C PRO C 205 -29.99 15.63 12.04
N SER C 206 -30.32 16.14 10.83
CA SER C 206 -31.58 16.85 10.56
C SER C 206 -32.48 16.02 9.66
N ASN C 207 -32.09 14.79 9.36
CA ASN C 207 -32.85 13.90 8.46
C ASN C 207 -33.05 14.57 7.08
N THR C 208 -31.99 15.20 6.55
CA THR C 208 -32.05 15.94 5.27
C THR C 208 -31.17 15.25 4.23
N LYS C 209 -31.77 14.66 3.20
CA LYS C 209 -31.03 14.02 2.09
C LYS C 209 -31.42 14.75 0.81
N VAL C 210 -30.44 15.14 0.02
CA VAL C 210 -30.66 15.93 -1.21
C VAL C 210 -29.75 15.38 -2.29
N ASP C 211 -30.30 15.19 -3.50
CA ASP C 211 -29.50 14.96 -4.73
C ASP C 211 -29.63 16.19 -5.62
N LYS C 212 -28.53 16.87 -5.92
CA LYS C 212 -28.54 18.11 -6.75
C LYS C 212 -27.81 17.79 -8.06
N LYS C 213 -28.55 17.85 -9.17
CA LYS C 213 -27.93 17.81 -10.51
C LYS C 213 -27.32 19.18 -10.80
N VAL C 214 -26.07 19.19 -11.22
CA VAL C 214 -25.33 20.44 -11.53
C VAL C 214 -25.00 20.44 -13.02
N GLU C 215 -25.44 21.47 -13.73
CA GLU C 215 -25.15 21.56 -15.18
C GLU C 215 -24.84 23.00 -15.51
N PRO C 216 -24.32 23.24 -16.73
CA PRO C 216 -24.05 24.61 -17.16
C PRO C 216 -25.38 25.38 -17.17
N LYS C 217 -25.37 26.66 -16.77
CA LYS C 217 -26.58 27.53 -16.85
C LYS C 217 -26.77 28.00 -18.30
N SER C 218 -27.98 28.45 -18.68
CA SER C 218 -28.23 29.30 -19.89
C SER C 218 -27.73 30.73 -19.64
N ASP D 1 0.59 14.08 36.60
CA ASP D 1 0.36 13.67 35.19
C ASP D 1 1.68 13.75 34.42
N ILE D 2 1.92 12.80 33.53
CA ILE D 2 3.12 12.83 32.66
C ILE D 2 2.77 13.68 31.44
N GLN D 3 3.59 14.67 31.15
CA GLN D 3 3.50 15.55 29.97
C GLN D 3 4.47 15.06 28.90
N LEU D 4 3.96 14.89 27.68
CA LEU D 4 4.76 14.59 26.48
C LEU D 4 4.78 15.84 25.62
N THR D 5 5.96 16.31 25.24
CA THR D 5 6.14 17.47 24.36
C THR D 5 6.84 17.00 23.10
N GLN D 6 6.18 17.14 21.96
CA GLN D 6 6.78 16.80 20.66
C GLN D 6 7.53 18.00 20.12
N SER D 7 8.57 17.73 19.36
CA SER D 7 9.24 18.78 18.57
C SER D 7 9.70 18.15 17.27
N PRO D 8 9.56 18.84 16.13
CA PRO D 8 8.91 20.14 16.08
C PRO D 8 7.38 20.00 16.10
N ASP D 9 6.67 21.12 16.12
CA ASP D 9 5.19 21.15 15.97
C ASP D 9 4.83 20.75 14.53
N SER D 10 5.67 21.11 13.57
CA SER D 10 5.40 20.80 12.16
C SER D 10 6.71 20.78 11.42
N LEU D 11 6.74 20.00 10.35
CA LEU D 11 7.90 20.00 9.45
C LEU D 11 7.43 19.61 8.07
N ALA D 12 8.23 20.02 7.10
CA ALA D 12 8.01 19.81 5.65
C ALA D 12 9.22 19.03 5.13
N VAL D 13 9.00 17.86 4.54
CA VAL D 13 10.11 16.96 4.11
C VAL D 13 9.84 16.50 2.70
N SER D 14 10.88 16.44 1.85
CA SER D 14 10.73 16.00 0.45
C SER D 14 10.55 14.47 0.39
N LEU D 15 9.86 14.02 -0.62
CA LEU D 15 9.69 12.57 -0.86
C LEU D 15 11.06 11.91 -0.97
N GLY D 16 11.18 10.74 -0.35
CA GLY D 16 12.42 9.94 -0.38
C GLY D 16 13.36 10.35 0.74
N GLU D 17 13.09 11.44 1.44
CA GLU D 17 13.96 11.92 2.53
C GLU D 17 13.49 11.39 3.88
N ARG D 18 14.21 11.75 4.93
CA ARG D 18 13.98 11.27 6.30
C ARG D 18 13.26 12.34 7.13
N ALA D 19 12.22 11.91 7.83
CA ALA D 19 11.48 12.75 8.81
C ALA D 19 11.83 12.28 10.21
N THR D 20 12.20 13.22 11.07
CA THR D 20 12.54 12.96 12.48
C THR D 20 11.56 13.74 13.37
N ILE D 21 10.87 13.03 14.24
CA ILE D 21 9.87 13.60 15.17
C ILE D 21 10.28 13.18 16.58
N ASN D 22 10.52 14.17 17.44
CA ASN D 22 10.94 13.87 18.83
C ASN D 22 9.79 14.01 19.82
N CYS D 23 9.88 13.27 20.91
CA CYS D 23 8.90 13.22 22.00
C CYS D 23 9.68 13.21 23.32
N LYS D 24 9.45 14.23 24.14
CA LYS D 24 10.14 14.39 25.45
C LYS D 24 9.11 14.14 26.52
N SER D 25 9.36 13.16 27.39
CA SER D 25 8.50 12.85 28.55
C SER D 25 8.97 13.63 29.79
N SER D 26 8.04 14.16 30.58
CA SER D 26 8.34 14.96 31.79
C SER D 26 8.90 14.06 32.90
N GLN D 27 8.66 12.76 32.82
CA GLN D 27 9.30 11.80 33.76
C GLN D 27 9.54 10.46 33.07
N SER D 28 10.35 9.63 33.72
CA SER D 28 10.68 8.26 33.24
C SER D 28 9.41 7.47 32.97
N ILE D 29 9.40 6.75 31.85
CA ILE D 29 8.30 5.81 31.49
C ILE D 29 8.90 4.44 31.24
N PHE D 30 10.02 4.18 31.93
CA PHE D 30 10.74 2.89 31.84
C PHE D 30 10.18 2.01 32.94
N ARG D 31 9.46 0.96 32.55
CA ARG D 31 8.91 -0.01 33.51
C ARG D 31 10.00 -1.06 33.74
N THR D 32 10.69 -0.96 34.87
CA THR D 32 11.86 -1.81 35.22
C THR D 32 11.50 -3.27 35.08
N SER D 33 10.35 -3.67 35.63
CA SER D 33 9.88 -5.08 35.63
C SER D 33 9.72 -5.62 34.20
N ARG D 34 9.49 -4.76 33.21
CA ARG D 34 9.25 -5.24 31.82
C ARG D 34 10.46 -4.97 30.93
N ASN D 35 11.44 -4.23 31.43
CA ASN D 35 12.59 -3.77 30.62
C ASN D 35 12.06 -3.08 29.35
N LYS D 36 11.04 -2.24 29.49
CA LYS D 36 10.42 -1.53 28.33
C LYS D 36 10.12 -0.08 28.69
N ASN D 37 10.43 0.82 27.77
CA ASN D 37 9.88 2.19 27.76
C ASN D 37 8.49 2.09 27.12
N LEU D 38 7.46 2.54 27.83
CA LEU D 38 6.05 2.29 27.40
C LEU D 38 5.61 3.52 26.61
N LEU D 39 6.20 3.67 25.41
CA LEU D 39 5.89 4.80 24.53
C LEU D 39 5.30 4.27 23.23
N ASN D 40 4.17 4.85 22.82
CA ASN D 40 3.46 4.48 21.57
C ASN D 40 3.57 5.64 20.58
N TRP D 41 3.62 5.33 19.30
CA TRP D 41 3.57 6.31 18.19
C TRP D 41 2.37 5.99 17.31
N TYR D 42 1.65 7.03 16.92
CA TYR D 42 0.47 6.92 16.03
C TYR D 42 0.62 7.83 14.83
N GLN D 43 -0.01 7.40 13.74
CA GLN D 43 -0.21 8.18 12.49
C GLN D 43 -1.70 8.51 12.39
N GLN D 44 -2.07 9.77 12.17
CA GLN D 44 -3.49 10.10 11.85
C GLN D 44 -3.60 10.99 10.60
N ARG D 45 -4.34 10.57 9.59
CA ARG D 45 -4.91 11.54 8.57
C ARG D 45 -6.13 12.26 9.16
N PRO D 46 -6.32 13.59 8.98
CA PRO D 46 -7.43 14.29 9.63
C PRO D 46 -8.80 13.68 9.29
N GLY D 47 -9.63 13.47 10.33
CA GLY D 47 -10.98 12.86 10.23
C GLY D 47 -10.97 11.35 10.03
N GLN D 48 -9.80 10.72 9.89
CA GLN D 48 -9.63 9.24 9.87
C GLN D 48 -9.12 8.79 11.22
N PRO D 49 -9.39 7.54 11.63
CA PRO D 49 -8.95 7.08 12.94
C PRO D 49 -7.43 7.04 12.96
N PRO D 50 -6.81 7.32 14.12
CA PRO D 50 -5.40 7.04 14.30
C PRO D 50 -5.05 5.57 14.02
N ARG D 51 -3.79 5.37 13.63
CA ARG D 51 -3.22 4.03 13.43
CA ARG D 51 -3.14 4.07 13.34
C ARG D 51 -1.96 3.90 14.31
N LEU D 52 -1.89 2.78 15.04
CA LEU D 52 -0.69 2.48 15.85
C LEU D 52 0.48 2.11 14.92
N LEU D 53 1.62 2.73 15.11
CA LEU D 53 2.86 2.43 14.34
C LEU D 53 3.76 1.58 15.22
N ILE D 54 3.98 2.07 16.44
CA ILE D 54 5.06 1.53 17.32
C ILE D 54 4.56 1.49 18.76
N HIS D 55 4.91 0.44 19.49
CA HIS D 55 4.72 0.42 20.96
C HIS D 55 6.04 0.00 21.63
N TRP D 56 6.10 0.10 22.95
CA TRP D 56 7.35 -0.19 23.70
C TRP D 56 8.52 0.61 23.16
N ALA D 57 8.23 1.81 22.66
CA ALA D 57 9.21 2.78 22.13
C ALA D 57 9.77 2.34 20.77
N SER D 58 10.01 1.05 20.54
CA SER D 58 10.80 0.62 19.36
C SER D 58 10.24 -0.63 18.69
N THR D 59 9.11 -1.20 19.14
CA THR D 59 8.51 -2.39 18.50
C THR D 59 7.46 -1.95 17.49
N ARG D 60 7.66 -2.25 16.20
CA ARG D 60 6.67 -1.96 15.15
C ARG D 60 5.47 -2.89 15.28
N LYS D 61 4.27 -2.36 15.13
CA LYS D 61 3.07 -3.19 14.93
C LYS D 61 3.19 -3.95 13.62
N SER D 62 2.66 -5.18 13.60
CA SER D 62 2.65 -6.04 12.40
C SER D 62 2.00 -5.28 11.24
N GLY D 63 2.63 -5.31 10.06
CA GLY D 63 2.14 -4.65 8.83
C GLY D 63 2.61 -3.20 8.69
N VAL D 64 3.24 -2.64 9.72
CA VAL D 64 3.78 -1.26 9.62
C VAL D 64 5.12 -1.35 8.87
N PRO D 65 5.32 -0.53 7.81
CA PRO D 65 6.56 -0.56 7.05
C PRO D 65 7.79 -0.35 7.92
N ASP D 66 8.89 -1.04 7.62
CA ASP D 66 10.16 -0.83 8.35
C ASP D 66 10.79 0.52 7.97
N ARG D 67 10.15 1.33 7.13
CA ARG D 67 10.49 2.76 6.96
C ARG D 67 10.21 3.52 8.26
N PHE D 68 9.33 3.01 9.11
CA PHE D 68 9.00 3.62 10.42
C PHE D 68 9.83 2.96 11.51
N SER D 69 10.54 3.75 12.30
CA SER D 69 11.29 3.17 13.44
C SER D 69 11.25 4.08 14.63
N GLY D 70 11.19 3.46 15.80
CA GLY D 70 11.10 4.13 17.08
C GLY D 70 12.37 3.89 17.86
N SER D 71 12.86 4.95 18.46
CA SER D 71 14.11 4.88 19.26
C SER D 71 13.96 5.78 20.48
N GLY D 72 14.87 5.63 21.41
CA GLY D 72 14.92 6.60 22.49
C GLY D 72 15.87 6.17 23.56
N PHE D 73 16.03 7.06 24.53
CA PHE D 73 16.84 6.77 25.73
C PHE D 73 16.42 7.78 26.79
N GLY D 74 16.23 7.29 28.00
CA GLY D 74 15.87 8.16 29.15
C GLY D 74 14.45 8.65 28.96
N THR D 75 14.27 9.96 28.77
CA THR D 75 12.93 10.61 28.62
C THR D 75 12.81 11.22 27.23
N ASP D 76 13.66 10.77 26.29
CA ASP D 76 13.74 11.31 24.92
C ASP D 76 13.48 10.18 23.92
N PHE D 77 12.48 10.35 23.08
CA PHE D 77 12.03 9.33 22.12
C PHE D 77 11.90 9.99 20.75
N THR D 78 12.13 9.17 19.74
CA THR D 78 12.16 9.63 18.35
C THR D 78 11.40 8.66 17.47
N LEU D 79 10.57 9.20 16.59
CA LEU D 79 10.04 8.46 15.43
C LEU D 79 10.81 8.93 14.21
N THR D 80 11.43 7.98 13.52
CA THR D 80 12.15 8.27 12.25
C THR D 80 11.33 7.62 11.15
N ILE D 81 11.05 8.38 10.10
CA ILE D 81 10.42 7.83 8.87
C ILE D 81 11.46 8.01 7.76
N THR D 82 12.01 6.93 7.22
CA THR D 82 12.93 7.00 6.09
C THR D 82 12.12 6.91 4.81
N SER D 83 12.73 7.30 3.69
CA SER D 83 12.15 7.12 2.33
C SER D 83 10.70 7.64 2.34
N LEU D 84 10.49 8.89 2.73
CA LEU D 84 9.12 9.44 2.89
C LEU D 84 8.35 9.26 1.59
N GLN D 85 7.11 8.78 1.71
CA GLN D 85 6.20 8.59 0.58
C GLN D 85 5.05 9.62 0.68
N ALA D 86 4.39 9.87 -0.44
CA ALA D 86 3.30 10.87 -0.49
C ALA D 86 2.18 10.51 0.49
N GLU D 87 1.88 9.23 0.66
CA GLU D 87 0.80 8.75 1.55
C GLU D 87 1.17 8.91 3.03
N ASP D 88 2.39 9.30 3.37
CA ASP D 88 2.81 9.45 4.79
C ASP D 88 2.36 10.79 5.39
N VAL D 89 1.78 11.67 4.56
CA VAL D 89 1.27 12.98 5.05
C VAL D 89 0.21 12.71 6.13
N ALA D 90 0.43 13.24 7.31
CA ALA D 90 -0.37 12.92 8.51
C ALA D 90 0.11 13.77 9.66
N ILE D 91 -0.63 13.69 10.76
CA ILE D 91 -0.16 14.18 12.07
C ILE D 91 0.28 12.96 12.85
N TYR D 92 1.45 13.04 13.49
CA TYR D 92 2.04 11.93 14.24
C TYR D 92 2.01 12.27 15.73
N TYR D 93 1.61 11.33 16.56
CA TYR D 93 1.44 11.53 18.01
C TYR D 93 2.26 10.49 18.75
N CYS D 94 2.93 10.90 19.81
CA CYS D 94 3.39 9.95 20.84
C CYS D 94 2.39 9.85 21.97
N GLN D 95 2.47 8.78 22.74
CA GLN D 95 1.59 8.58 23.91
C GLN D 95 2.36 7.72 24.90
N GLN D 96 2.28 8.06 26.19
CA GLN D 96 2.85 7.19 27.24
C GLN D 96 1.77 6.21 27.72
N TYR D 97 2.17 4.97 27.99
CA TYR D 97 1.27 3.88 28.41
C TYR D 97 1.77 3.33 29.78
N PHE D 98 2.42 4.21 30.55
CA PHE D 98 3.16 3.87 31.79
C PHE D 98 2.24 4.06 33.01
N SER D 99 1.57 5.20 33.11
CA SER D 99 0.64 5.46 34.23
C SER D 99 -0.48 6.38 33.78
N PRO D 100 -1.73 6.07 34.16
CA PRO D 100 -2.89 6.88 33.78
C PRO D 100 -2.84 8.22 34.49
N PRO D 101 -3.30 9.32 33.84
CA PRO D 101 -3.88 9.26 32.50
C PRO D 101 -2.81 9.01 31.42
N TYR D 102 -3.17 8.21 30.43
CA TYR D 102 -2.25 7.73 29.36
C TYR D 102 -2.13 8.82 28.30
N THR D 103 -1.40 9.87 28.64
CA THR D 103 -1.33 11.16 27.93
C THR D 103 -0.68 11.01 26.56
N PHE D 104 -1.23 11.74 25.59
CA PHE D 104 -0.67 11.98 24.25
C PHE D 104 0.18 13.25 24.23
N GLY D 105 1.21 13.27 23.40
CA GLY D 105 1.84 14.50 22.94
C GLY D 105 0.86 15.32 22.13
N GLN D 106 1.26 16.53 21.77
CA GLN D 106 0.36 17.52 21.17
C GLN D 106 0.25 17.25 19.67
N GLY D 107 1.06 16.34 19.13
CA GLY D 107 1.06 16.05 17.69
C GLY D 107 2.09 16.86 16.90
N THR D 108 2.64 16.25 15.85
CA THR D 108 3.55 16.90 14.88
C THR D 108 2.95 16.72 13.50
N LYS D 109 2.73 17.82 12.81
CA LYS D 109 2.15 17.78 11.45
C LYS D 109 3.30 17.60 10.46
N LEU D 110 3.25 16.52 9.69
CA LEU D 110 4.23 16.26 8.60
C LEU D 110 3.64 16.60 7.23
N GLU D 111 4.19 17.63 6.61
CA GLU D 111 3.88 18.14 5.26
C GLU D 111 4.90 17.56 4.29
N ILE D 112 4.47 17.26 3.09
CA ILE D 112 5.34 16.86 1.97
C ILE D 112 5.79 18.14 1.25
N LYS D 113 7.10 18.33 1.14
CA LYS D 113 7.67 19.40 0.29
C LYS D 113 7.76 18.85 -1.13
N ARG D 114 7.29 19.61 -2.10
CA ARG D 114 7.35 19.22 -3.53
C ARG D 114 7.59 20.46 -4.39
N THR D 115 7.65 20.30 -5.71
CA THR D 115 7.86 21.42 -6.62
C THR D 115 6.63 22.34 -6.60
N VAL D 116 6.84 23.58 -7.00
CA VAL D 116 5.76 24.57 -7.11
C VAL D 116 4.74 24.06 -8.12
N ALA D 117 3.45 24.22 -7.81
CA ALA D 117 2.35 23.91 -8.74
C ALA D 117 1.36 25.08 -8.68
N ALA D 118 1.10 25.70 -9.83
CA ALA D 118 0.17 26.84 -9.92
C ALA D 118 -1.25 26.33 -9.70
N PRO D 119 -2.12 27.10 -9.01
CA PRO D 119 -3.54 26.72 -8.96
C PRO D 119 -4.25 26.92 -10.31
N SER D 120 -5.23 26.07 -10.58
CA SER D 120 -6.30 26.35 -11.57
C SER D 120 -7.37 27.13 -10.84
N VAL D 121 -7.87 28.21 -11.40
CA VAL D 121 -8.80 29.13 -10.71
C VAL D 121 -10.15 29.12 -11.43
N PHE D 122 -11.21 29.07 -10.63
CA PHE D 122 -12.61 29.06 -11.12
C PHE D 122 -13.42 29.98 -10.23
N ILE D 123 -14.37 30.71 -10.83
CA ILE D 123 -15.35 31.49 -10.05
C ILE D 123 -16.76 30.97 -10.36
N PHE D 124 -17.61 30.97 -9.34
CA PHE D 124 -19.02 30.55 -9.43
C PHE D 124 -19.91 31.65 -8.92
N PRO D 125 -20.88 32.08 -9.75
CA PRO D 125 -21.86 33.04 -9.28
C PRO D 125 -22.82 32.36 -8.33
N PRO D 126 -23.59 33.15 -7.57
CA PRO D 126 -24.70 32.61 -6.78
C PRO D 126 -25.79 32.08 -7.73
N SER D 127 -26.42 31.00 -7.30
CA SER D 127 -27.61 30.45 -7.99
C SER D 127 -28.83 31.36 -7.84
N ASP D 128 -29.70 31.37 -8.84
CA ASP D 128 -31.05 31.99 -8.75
C ASP D 128 -31.81 31.40 -7.55
N GLU D 129 -31.72 30.09 -7.30
CA GLU D 129 -32.43 29.48 -6.16
C GLU D 129 -31.97 30.12 -4.84
N GLN D 130 -30.67 30.29 -4.63
CA GLN D 130 -30.18 30.91 -3.38
C GLN D 130 -30.69 32.37 -3.29
N LEU D 131 -30.68 33.10 -4.40
CA LEU D 131 -31.04 34.54 -4.35
C LEU D 131 -32.47 34.71 -3.82
N LYS D 132 -33.37 33.78 -4.12
CA LYS D 132 -34.74 33.75 -3.52
C LYS D 132 -34.69 33.85 -1.97
N SER D 133 -33.64 33.36 -1.30
CA SER D 133 -33.44 33.26 0.17
C SER D 133 -33.01 34.61 0.76
N GLY D 134 -32.60 35.58 -0.06
CA GLY D 134 -32.10 36.89 0.44
C GLY D 134 -30.59 36.95 0.68
N THR D 135 -29.87 35.89 0.35
CA THR D 135 -28.39 35.83 0.49
C THR D 135 -27.74 35.37 -0.82
N ALA D 136 -26.55 35.90 -1.08
CA ALA D 136 -25.73 35.56 -2.25
C ALA D 136 -24.38 35.06 -1.76
N SER D 137 -24.03 33.86 -2.20
CA SER D 137 -22.70 33.28 -1.97
C SER D 137 -21.96 33.26 -3.32
N VAL D 138 -20.79 33.85 -3.38
CA VAL D 138 -19.91 33.81 -4.58
C VAL D 138 -18.69 32.97 -4.19
N VAL D 139 -18.35 31.99 -5.01
CA VAL D 139 -17.29 31.03 -4.66
C VAL D 139 -16.14 31.13 -5.63
N CYS D 140 -14.93 31.19 -5.09
CA CYS D 140 -13.69 31.13 -5.88
C CYS D 140 -12.94 29.85 -5.47
N LEU D 141 -12.57 29.03 -6.45
CA LEU D 141 -11.86 27.76 -6.25
C LEU D 141 -10.44 27.88 -6.79
N LEU D 142 -9.46 27.51 -5.96
CA LEU D 142 -8.04 27.34 -6.33
C LEU D 142 -7.75 25.85 -6.26
N ASN D 143 -7.53 25.23 -7.41
CA ASN D 143 -7.40 23.75 -7.46
C ASN D 143 -5.94 23.30 -7.61
N ASN D 144 -5.51 22.41 -6.72
CA ASN D 144 -4.27 21.57 -6.84
C ASN D 144 -3.02 22.45 -6.98
N PHE D 145 -2.66 23.18 -5.93
CA PHE D 145 -1.51 24.09 -5.92
C PHE D 145 -0.55 23.73 -4.81
N TYR D 146 0.69 24.22 -4.93
CA TYR D 146 1.74 24.07 -3.90
C TYR D 146 2.72 25.21 -4.16
N PRO D 147 3.23 25.91 -3.13
CA PRO D 147 2.88 25.67 -1.74
C PRO D 147 1.52 26.26 -1.31
N ARG D 148 1.21 26.09 -0.04
CA ARG D 148 -0.05 26.48 0.59
C ARG D 148 -0.30 27.99 0.46
N GLU D 149 0.74 28.81 0.60
CA GLU D 149 0.55 30.29 0.66
C GLU D 149 -0.08 30.76 -0.66
N ALA D 150 -1.18 31.50 -0.57
CA ALA D 150 -1.93 32.02 -1.73
C ALA D 150 -2.73 33.22 -1.23
N LYS D 151 -2.75 34.28 -2.03
CA LYS D 151 -3.58 35.47 -1.71
C LYS D 151 -4.78 35.45 -2.65
N VAL D 152 -5.98 35.51 -2.06
CA VAL D 152 -7.24 35.48 -2.84
C VAL D 152 -7.98 36.75 -2.48
N GLN D 153 -8.16 37.63 -3.46
CA GLN D 153 -8.80 38.95 -3.22
C GLN D 153 -10.08 39.04 -4.02
N TRP D 154 -11.15 39.45 -3.36
CA TRP D 154 -12.48 39.67 -3.97
C TRP D 154 -12.63 41.14 -4.33
N LYS D 155 -13.10 41.41 -5.54
CA LYS D 155 -13.57 42.75 -5.92
C LYS D 155 -15.01 42.70 -6.41
N VAL D 156 -15.76 43.71 -5.99
CA VAL D 156 -17.15 43.92 -6.44
C VAL D 156 -17.18 45.34 -6.97
N ASP D 157 -17.40 45.49 -8.27
CA ASP D 157 -17.30 46.83 -8.93
C ASP D 157 -16.07 47.59 -8.39
N ASN D 158 -14.91 46.93 -8.39
CA ASN D 158 -13.58 47.55 -8.15
C ASN D 158 -13.29 47.74 -6.66
N ALA D 159 -14.24 47.51 -5.75
CA ALA D 159 -14.01 47.66 -4.31
C ALA D 159 -13.46 46.33 -3.79
N LEU D 160 -12.26 46.38 -3.22
CA LEU D 160 -11.68 45.20 -2.53
C LEU D 160 -12.60 44.86 -1.35
N GLN D 161 -13.05 43.62 -1.27
CA GLN D 161 -13.94 43.16 -0.18
C GLN D 161 -13.08 42.63 0.96
N SER D 162 -13.31 43.11 2.16
CA SER D 162 -12.59 42.63 3.36
C SER D 162 -13.60 42.37 4.47
N GLY D 163 -13.49 41.22 5.15
CA GLY D 163 -14.35 40.92 6.34
C GLY D 163 -15.60 40.13 6.02
N ASN D 164 -15.93 39.99 4.71
CA ASN D 164 -17.15 39.27 4.28
C ASN D 164 -16.82 38.04 3.41
N SER D 165 -15.66 37.38 3.64
CA SER D 165 -15.32 36.09 3.00
C SER D 165 -14.71 35.13 4.01
N GLN D 166 -14.81 33.85 3.73
CA GLN D 166 -14.14 32.80 4.49
C GLN D 166 -13.47 31.83 3.52
N GLU D 167 -12.33 31.31 3.92
CA GLU D 167 -11.54 30.35 3.13
C GLU D 167 -11.56 29.01 3.84
N SER D 168 -11.55 27.94 3.06
CA SER D 168 -11.36 26.58 3.55
C SER D 168 -10.32 25.90 2.68
N VAL D 169 -9.46 25.10 3.26
CA VAL D 169 -8.35 24.46 2.52
C VAL D 169 -8.43 22.97 2.80
N THR D 170 -8.18 22.16 1.78
CA THR D 170 -8.13 20.71 1.93
C THR D 170 -6.82 20.32 2.61
N GLU D 171 -6.81 19.10 3.14
CA GLU D 171 -5.54 18.46 3.55
C GLU D 171 -4.72 18.17 2.30
N GLN D 172 -3.42 18.16 2.48
CA GLN D 172 -2.49 17.89 1.38
C GLN D 172 -2.91 16.56 0.70
N ASP D 173 -3.01 16.54 -0.63
CA ASP D 173 -3.49 15.38 -1.40
C ASP D 173 -2.50 14.20 -1.22
N SER D 174 -3.03 12.99 -1.03
CA SER D 174 -2.19 11.81 -0.75
C SER D 174 -1.34 11.46 -1.97
N LYS D 175 -1.77 11.80 -3.19
CA LYS D 175 -1.13 11.37 -4.45
C LYS D 175 -0.18 12.47 -4.95
N ASP D 176 -0.64 13.72 -5.07
CA ASP D 176 0.14 14.78 -5.75
C ASP D 176 0.67 15.82 -4.73
N SER D 177 0.35 15.69 -3.44
CA SER D 177 0.88 16.56 -2.36
C SER D 177 0.50 18.03 -2.60
N THR D 178 -0.61 18.27 -3.29
CA THR D 178 -1.13 19.64 -3.49
C THR D 178 -2.26 19.97 -2.50
N TYR D 179 -2.58 21.25 -2.45
CA TYR D 179 -3.72 21.82 -1.68
C TYR D 179 -4.76 22.30 -2.68
N SER D 180 -6.01 22.32 -2.23
CA SER D 180 -7.08 23.09 -2.93
C SER D 180 -7.74 24.02 -1.92
N LEU D 181 -8.28 25.13 -2.38
CA LEU D 181 -8.82 26.16 -1.47
C LEU D 181 -10.09 26.75 -2.05
N SER D 182 -11.08 26.95 -1.18
CA SER D 182 -12.33 27.66 -1.54
C SER D 182 -12.32 28.98 -0.79
N SER D 183 -12.69 30.07 -1.45
CA SER D 183 -13.02 31.36 -0.82
C SER D 183 -14.49 31.68 -1.16
N THR D 184 -15.30 31.93 -0.13
CA THR D 184 -16.74 32.18 -0.29
C THR D 184 -17.00 33.61 0.18
N LEU D 185 -17.48 34.44 -0.73
CA LEU D 185 -17.89 35.83 -0.43
C LEU D 185 -19.39 35.80 -0.19
N THR D 186 -19.83 36.31 0.95
CA THR D 186 -21.26 36.35 1.28
C THR D 186 -21.77 37.79 1.28
N LEU D 187 -22.81 38.06 0.48
CA LEU D 187 -23.42 39.40 0.39
C LEU D 187 -24.92 39.21 0.60
N SER D 188 -25.62 40.27 0.99
CA SER D 188 -27.10 40.25 0.94
C SER D 188 -27.51 40.16 -0.54
N LYS D 189 -28.70 39.65 -0.81
CA LYS D 189 -29.28 39.72 -2.19
C LYS D 189 -29.31 41.17 -2.67
N ALA D 190 -29.78 42.09 -1.83
CA ALA D 190 -29.91 43.54 -2.15
C ALA D 190 -28.54 44.08 -2.59
N ASP D 191 -27.47 43.81 -1.83
CA ASP D 191 -26.11 44.25 -2.25
C ASP D 191 -25.69 43.57 -3.55
N TYR D 192 -25.93 42.27 -3.71
CA TYR D 192 -25.50 41.54 -4.92
C TYR D 192 -26.13 42.19 -6.15
N GLU D 193 -27.41 42.54 -6.06
CA GLU D 193 -28.18 43.02 -7.22
C GLU D 193 -27.86 44.49 -7.52
N LYS D 194 -27.14 45.20 -6.65
CA LYS D 194 -26.71 46.62 -6.90
C LYS D 194 -25.37 46.70 -7.64
N HIS D 195 -24.68 45.59 -7.85
CA HIS D 195 -23.33 45.59 -8.45
C HIS D 195 -23.29 44.68 -9.67
N LYS D 196 -22.31 44.91 -10.54
CA LYS D 196 -22.23 44.21 -11.83
C LYS D 196 -21.03 43.26 -11.83
N VAL D 197 -19.82 43.73 -11.53
CA VAL D 197 -18.60 42.94 -11.82
C VAL D 197 -18.11 42.28 -10.52
N TYR D 198 -18.07 40.93 -10.56
CA TYR D 198 -17.58 40.09 -9.45
C TYR D 198 -16.32 39.40 -9.90
N ALA D 199 -15.24 39.60 -9.15
CA ALA D 199 -13.89 39.10 -9.54
C ALA D 199 -13.16 38.52 -8.31
N CYS D 200 -12.50 37.41 -8.59
CA CYS D 200 -11.57 36.69 -7.71
C CYS D 200 -10.18 36.83 -8.32
N GLU D 201 -9.24 37.49 -7.63
CA GLU D 201 -7.84 37.61 -8.09
C GLU D 201 -6.93 36.77 -7.21
N VAL D 202 -6.13 35.90 -7.82
CA VAL D 202 -5.24 34.96 -7.11
C VAL D 202 -3.79 35.32 -7.39
N THR D 203 -3.05 35.46 -6.31
CA THR D 203 -1.58 35.60 -6.31
C THR D 203 -0.98 34.33 -5.70
N HIS D 204 -0.05 33.71 -6.42
CA HIS D 204 0.62 32.47 -6.00
C HIS D 204 1.99 32.40 -6.68
N GLN D 205 2.97 31.88 -5.96
CA GLN D 205 4.37 31.70 -6.45
C GLN D 205 4.38 31.04 -7.84
N GLY D 206 3.45 30.15 -8.15
CA GLY D 206 3.48 29.39 -9.42
C GLY D 206 2.89 30.13 -10.58
N LEU D 207 2.28 31.30 -10.36
CA LEU D 207 1.67 32.14 -11.41
C LEU D 207 2.66 33.27 -11.74
N SER D 208 2.96 33.48 -13.01
CA SER D 208 3.93 34.51 -13.46
C SER D 208 3.41 35.91 -13.07
N SER D 209 2.09 36.07 -13.00
CA SER D 209 1.40 37.27 -12.48
C SER D 209 0.00 36.85 -12.06
N PRO D 210 -0.67 37.66 -11.24
CA PRO D 210 -1.94 37.23 -10.65
C PRO D 210 -3.00 36.88 -11.70
N VAL D 211 -3.80 35.88 -11.39
CA VAL D 211 -4.89 35.39 -12.26
C VAL D 211 -6.21 35.94 -11.72
N THR D 212 -7.01 36.53 -12.59
CA THR D 212 -8.35 36.99 -12.23
C THR D 212 -9.41 36.16 -12.96
N LYS D 213 -10.39 35.66 -12.23
CA LYS D 213 -11.63 35.09 -12.82
C LYS D 213 -12.77 36.00 -12.42
N SER D 214 -13.65 36.32 -13.37
CA SER D 214 -14.73 37.27 -13.10
C SER D 214 -16.00 36.91 -13.88
N PHE D 215 -17.11 37.45 -13.45
CA PHE D 215 -18.38 37.40 -14.19
C PHE D 215 -19.09 38.72 -13.99
N ASN D 216 -19.98 39.03 -14.93
CA ASN D 216 -20.90 40.18 -14.81
C ASN D 216 -22.26 39.62 -14.44
N ARG D 217 -22.86 40.13 -13.38
CA ARG D 217 -24.16 39.64 -12.88
C ARG D 217 -25.16 39.71 -14.04
N GLY D 218 -25.83 38.59 -14.31
CA GLY D 218 -26.92 38.49 -15.31
C GLY D 218 -26.41 38.19 -16.71
N GLU D 219 -25.31 37.43 -16.84
CA GLU D 219 -24.68 37.08 -18.15
C GLU D 219 -24.02 35.69 -18.02
C2 G5F E . 25.91 0.63 -25.63
C4 G5F E . 27.26 2.68 -26.25
C5 G5F E . 26.74 1.13 -27.94
C6 G5F E . 26.47 1.10 -29.41
C7 G5F E . 28.51 4.70 -26.54
C8 G5F E . 29.64 4.67 -25.53
C9 G5F E . 28.07 6.11 -26.88
C10 G5F E . 26.86 6.17 -27.81
C11 G5F E . 27.13 5.56 -29.16
C12 G5F E . 25.31 3.49 -32.39
O14 G5F E . 21.57 0.77 -34.87
C15 G5F E . 23.66 1.96 -34.57
C16 G5F E . 31.65 7.70 -23.89
C17 G5F E . 32.98 8.13 -24.51
C18 G5F E . 34.19 7.97 -23.59
C19 G5F E . 35.52 8.45 -24.20
C20 G5F E . 26.51 3.17 -23.11
O21 G5F E . 24.48 6.22 -31.85
O22 G5F E . 29.52 6.58 -22.15
C1 G5F E . 25.63 0.49 -27.12
C3 G5F E . 26.24 2.08 -25.27
O1 G5F E . 26.83 2.52 -27.58
O2 G5F E . 27.37 4.03 -25.96
N1 G5F E . 26.83 2.18 -23.95
O3 G5F E . 24.80 0.14 -24.88
O4 G5F E . 25.48 -0.89 -27.47
O5 G5F E . 27.59 1.62 -30.15
O6 G5F E . 29.18 5.35 -24.33
O7 G5F E . 25.89 5.51 -29.91
P1 G5F E . 25.90 5.87 -31.48
O8 G5F E . 26.31 4.50 -32.20
C13 G5F E . 25.87 2.47 -33.36
C14 G5F E . 24.80 1.42 -33.71
P2 G5F E . 30.15 5.61 -23.10
O9 G5F E . 31.46 6.25 -23.82
C21 G5F E . 27.36 3.27 -21.88
O10 G5F E . 25.63 3.99 -23.37
O11 G5F E . 29.17 6.77 -27.45
O12 G5F E . 26.44 7.52 -28.03
C22 G5F E . 22.92 0.87 -35.31
O15 G5F E . 33.23 7.40 -25.71
O17 G5F E . 33.96 8.69 -22.39
O18 G5F E . 24.30 0.90 -32.47
O19 G5F E . 24.17 2.92 -35.51
O20 G5F E . 27.02 1.82 -32.79
O23 G5F E . 27.05 6.81 -31.67
O24 G5F E . 30.71 4.29 -22.59
C1 GOL F . 13.23 0.02 4.50
O1 GOL F . 12.69 -1.01 3.68
C2 GOL F . 14.68 -0.34 4.73
O2 GOL F . 15.43 0.19 3.65
C3 GOL F . 15.23 0.05 6.08
O3 GOL F . 16.15 -0.93 6.54
S SO4 G . 3.03 -1.72 -18.68
O1 SO4 G . 3.66 -1.45 -19.97
O2 SO4 G . 2.84 -3.15 -18.54
O3 SO4 G . 1.72 -1.06 -18.65
O4 SO4 G . 3.87 -1.19 -17.59
C1 PEG H . -17.82 14.52 12.04
O1 PEG H . -17.55 13.26 12.63
C2 PEG H . -16.86 15.61 12.47
O2 PEG H . -17.08 16.78 11.68
C3 PEG H . -15.94 17.21 10.92
C4 PEG H . -15.65 16.27 9.76
O4 PEG H . -16.80 15.97 8.96
C1 GOL I . -28.84 -1.68 25.89
O1 GOL I . -29.70 -2.43 26.73
C2 GOL I . -27.69 -2.52 25.37
O2 GOL I . -28.20 -3.48 24.45
C3 GOL I . -26.62 -1.70 24.68
O3 GOL I . -25.32 -2.27 24.82
C2 G5F J . -2.94 -3.67 27.63
C4 G5F J . -1.54 -4.84 29.36
C5 G5F J . -3.42 -5.93 28.52
C6 G5F J . -3.95 -7.32 28.29
C7 G5F J . 0.02 -5.53 31.08
C8 G5F J . 0.07 -4.39 32.07
C9 G5F J . 1.33 -6.33 31.03
C10 G5F J . 1.26 -7.49 30.04
C11 G5F J . 0.13 -8.45 30.34
C12 G5F J . 0.01 -8.97 26.50
O14 G5F J . 1.91 -9.08 21.50
C15 G5F J . 0.80 -8.51 23.55
C16 G5F J . 3.04 -4.16 34.35
C17 G5F J . 3.00 -4.75 35.74
C18 G5F J . 4.22 -5.62 36.13
C19 G5F J . 3.79 -7.03 36.54
C20 G5F J . 0.19 -2.09 28.65
O21 G5F J . -2.24 -10.14 29.40
O22 G5F J . 3.08 -2.03 32.20
C1 G5F J . -3.51 -5.04 27.29
C3 G5F J . -1.56 -3.79 28.25
O1 G5F J . -2.04 -6.06 28.88
O2 G5F J . -0.21 -5.04 29.72
N1 G5F J . -1.08 -2.51 28.72
O3 G5F J . -2.83 -2.87 26.45
O4 G5F J . -4.87 -4.94 26.88
O5 G5F J . -3.93 -8.10 29.54
O6 G5F J . 1.28 -3.71 31.82
O7 G5F J . 0.28 -9.68 29.59
P1 G5F J . -0.93 -10.20 28.66
O8 G5F J . -0.98 -9.04 27.54
C13 G5F J . -0.34 -7.72 25.71
C14 G5F J . 0.68 -7.42 24.61
P2 G5F J . 1.75 -2.50 32.74
O9 G5F J . 2.01 -3.15 34.20
C21 G5F J . 0.48 -0.87 29.46
O10 G5F J . 1.06 -2.64 27.98
O11 G5F J . 1.63 -6.79 32.35
O12 G5F J . 2.52 -8.20 30.01
C22 G5F J . 1.47 -8.00 22.31
O15 G5F J . 2.89 -3.68 36.68
O17 G5F J . 5.24 -5.76 35.11
O18 G5F J . 1.97 -7.28 25.18
O19 G5F J . -0.50 -9.00 23.21
O20 G5F J . -0.38 -6.62 26.64
O23 G5F J . -0.48 -11.47 27.98
O24 G5F J . 0.56 -1.57 32.84
C23 G5F J . 4.78 -7.68 37.48
O13 G5F J . 2.50 -6.92 37.14
S SO4 K . -30.18 28.13 -10.55
O1 SO4 K . -29.27 27.03 -10.72
O2 SO4 K . -29.46 29.39 -10.79
O3 SO4 K . -31.25 28.02 -11.53
O4 SO4 K . -30.74 28.06 -9.20
#